data_8WLR
#
_entry.id   8WLR
#
_cell.length_a   1.00
_cell.length_b   1.00
_cell.length_c   1.00
_cell.angle_alpha   90.00
_cell.angle_beta   90.00
_cell.angle_gamma   90.00
#
_symmetry.space_group_name_H-M   'P 1'
#
loop_
_entity.id
_entity.type
_entity.pdbx_description
1 polymer 'Angiotensin-converting enzyme'
2 polymer 'Spike glycoprotein'
3 non-polymer 'ZINC ION'
4 non-polymer 2-acetamido-2-deoxy-beta-D-glucopyranose
#
loop_
_entity_poly.entity_id
_entity_poly.type
_entity_poly.pdbx_seq_one_letter_code
_entity_poly.pdbx_strand_id
1 'polypeptide(L)'
;QSTTEEQAKTFLLKFDHDAEDLSYQSSLASWNYNTNITDENVQKMNEARAKWSAFYEEQSKAAKMFSLEEIQDLTLKRQL
QALQQSGTSALSADKSKRLNTILNTMSTIYSSGKVLDPNTQECLVLEPGLDDIMENSQDYSRRLWAWEGWRAEVGKQLRP
LYEEYVVLENEMARANNYEDYGDYWRGDYEVTGAGDYDYSRDQLITDVERTFAEIKPLYEQLHAYVRTKLMDAYPSHISP
TGCLPAHLLGDMWGRFWTNLYPLTVPFGQKPSIDVTREMENQSWDTKRIFKEAEKFFVSIGLPNMTQGFWDNSMLTEPGD
GRKVVCHPTAWDLGKGDFRIKMCTKVTMDDFLTAHHEMGHIQYDMAYATQPYLLRNGANEGFHEAVGEIMSLSAATPHYL
KALGLLPPDFYEDSETEINFLLKQALTIVGTLPFTYMLEKWRWMVFKGKIPKEQWMQKWWEMKREIVGVVEPLPHDETYC
DPACLFHVAEDYSFIRYYTRTIYQFQFHEALCQTAKHEGPLYKCDISNSTDAGQRLLQMLNLGKSEPWTLALERIVGAKT
MDVKPLLNYFEPLLTWLKDQNGNSFVGWSTDWTPYSE
;
A
2 'polypeptide(L)'
;MFVFLVLLPLVSSQCVNLTTRTQLPPAYTNSFTRGVYYPDKVFRSSVLHSTQDLFLPFFSNVTWFHAIHVSGTNGTKRFD
NPVLPFNDGVYFASTEKSNIIRGWIFGTTLDSKTQSLLIVNNATNVVIKVCEFQFCNDPFLGVYYHKNNKSWMESEFRVY
SSANNCTFEYVSQPFLMDLEGKQGNFKNLREFVFKNIDGYFKIYSKHTPINLVRDLPQGFSALEPLVDLPIGINITRFQT
LLALHRSYLTPGDSSSGWTAGAAAYYVGYLQPRTFLLKYNENGTITDAVDCALDPLSETKCTLKSFTVEKGIYQTSNFRV
QPTESIVRFPNITNLCPFGEVFNATRFASVYAWNRKRISNCVADYSVLYNSASFSTFKCYGVSPTKLNDLCFTNVYADSF
VIRGDEVRQIAPGQTGKIADYNYKLPDDFTGCVIAWNSNNLDSKVGGNYNYLYRLFRKSNLKPFERDISTEIYQAGSTPC
NGVEGFNCYFPLQSYGFQPTNGVGYQPYRVVVLSFELLHAPATVCGPKKSTNLVKNKCVNFNFNGLTGTGVLTESNKKFL
PFQQFGRDIADTTDAVRDPQTLEILDITPCSFGGVSVITPGTNTSNQVAVLYQDVNCTEVPVAIHADQLTPTWRVYSTGS
NVFQTRAGCLIGAEHVNNSYECDIPIGAGICASYQTQTNSPGSASSVASQSIIAYTMSLGAENSVAYSNNSIAIPTNFTI
SVTTEILPVSMTKTSVDCTMYICGDSTECSNLLLQYGSFCTQLNRALTGIAVEQDKNTQEVFAQVKQIYKTPPIKDFGGF
NFSQILPDPSKPSKRSPIEDLLFNKVTLADAGFIKQYGDCLGDIAARDLICAQKFNGLTVLPPLLTDEMIAQYTSALLAG
TITSGWTFGAGPALQIPFPMQMAYRFNGIGVTQNVLYENQKLIANQFNSAIGKIQDSLSSTPSALGKLQDVVNQNAQALN
TLVKQLSSNFGAISSVLNDILSRLDPPEAEVQIDRLITGRLQSLQTYVTQQLIRAAEIRASANLAATKMSECVLGQSKRV
DFCGKGYHLMSFPQSAPHGVVFLHVTYVPAQEKNFTTAPAICHDGKAHFPREGVFVSNGTHWFVTQRNFYEPQIITTDNT
FVSGNCDVVIGIVNNTVYDPLQPELDSFKEELDKYFKNHTSPDVDLGDISGINASVVNIQKEIDRLNEVAKNLNESLIDL
QELGKYEQYIKWPWYIW
;
B
#
loop_
_chem_comp.id
_chem_comp.type
_chem_comp.name
_chem_comp.formula
NAG D-saccharide, beta linking 2-acetamido-2-deoxy-beta-D-glucopyranose 'C8 H15 N O6'
ZN non-polymer 'ZINC ION' 'Zn 2'
#
# COMPACT_ATOMS: atom_id res chain seq x y z
N GLN A 1 -5.21 18.42 -36.15
CA GLN A 1 -4.19 18.96 -35.28
C GLN A 1 -4.62 18.91 -33.82
N SER A 2 -3.65 18.74 -32.91
CA SER A 2 -3.92 18.69 -31.49
C SER A 2 -2.78 19.33 -30.73
N THR A 3 -3.07 19.81 -29.53
CA THR A 3 -2.02 20.26 -28.64
C THR A 3 -1.31 19.06 -28.03
N THR A 4 -0.15 19.32 -27.41
CA THR A 4 0.57 18.25 -26.72
C THR A 4 -0.30 17.61 -25.65
N GLU A 5 -1.17 18.41 -25.01
CA GLU A 5 -2.04 17.91 -23.95
C GLU A 5 -3.06 16.89 -24.46
N GLU A 6 -3.42 16.95 -25.74
CA GLU A 6 -4.38 16.01 -26.29
C GLU A 6 -3.73 14.81 -26.97
N GLN A 7 -2.41 14.80 -27.11
CA GLN A 7 -1.69 13.59 -27.53
C GLN A 7 -1.13 12.82 -26.34
N ALA A 8 -0.70 13.52 -25.29
CA ALA A 8 -0.25 12.86 -24.08
C ALA A 8 -1.40 12.25 -23.29
N LYS A 9 -2.63 12.56 -23.66
CA LYS A 9 -3.79 11.87 -23.10
C LYS A 9 -4.07 10.56 -23.82
N THR A 10 -3.94 10.54 -25.13
CA THR A 10 -4.06 9.28 -25.89
C THR A 10 -2.96 8.31 -25.50
N PHE A 11 -1.73 8.82 -25.34
CA PHE A 11 -0.64 7.95 -24.94
C PHE A 11 -0.91 7.31 -23.59
N LEU A 12 -1.42 8.09 -22.63
CA LEU A 12 -1.73 7.53 -21.31
C LEU A 12 -2.91 6.58 -21.36
N LEU A 13 -3.89 6.83 -22.24
CA LEU A 13 -5.01 5.90 -22.39
C LEU A 13 -4.53 4.55 -22.87
N LYS A 14 -3.58 4.52 -23.81
CA LYS A 14 -3.01 3.24 -24.24
C LYS A 14 -2.19 2.60 -23.12
N PHE A 15 -1.41 3.43 -22.41
CA PHE A 15 -0.51 2.91 -21.38
C PHE A 15 -1.28 2.22 -20.25
N ASP A 16 -2.39 2.82 -19.81
CA ASP A 16 -3.15 2.22 -18.73
C ASP A 16 -3.65 0.83 -19.12
N HIS A 17 -4.16 0.69 -20.34
CA HIS A 17 -4.73 -0.57 -20.79
C HIS A 17 -3.67 -1.66 -20.85
N ASP A 18 -2.47 -1.33 -21.33
CA ASP A 18 -1.43 -2.37 -21.35
C ASP A 18 -0.89 -2.69 -19.95
N ALA A 19 -0.63 -1.65 -19.16
CA ALA A 19 0.07 -1.82 -17.89
C ALA A 19 -0.79 -2.56 -16.87
N GLU A 20 -2.11 -2.35 -16.89
CA GLU A 20 -2.95 -3.04 -15.92
C GLU A 20 -2.81 -4.55 -16.07
N ASP A 21 -2.89 -5.06 -17.30
CA ASP A 21 -2.81 -6.49 -17.53
C ASP A 21 -1.41 -7.02 -17.21
N LEU A 22 -0.37 -6.30 -17.63
CA LEU A 22 0.98 -6.80 -17.38
C LEU A 22 1.27 -6.86 -15.87
N SER A 23 0.89 -5.81 -15.14
CA SER A 23 1.13 -5.79 -13.70
C SER A 23 0.30 -6.85 -12.98
N TYR A 24 -0.94 -7.10 -13.44
CA TYR A 24 -1.73 -8.14 -12.79
C TYR A 24 -1.12 -9.52 -12.99
N GLN A 25 -0.59 -9.79 -14.20
CA GLN A 25 0.09 -11.07 -14.39
C GLN A 25 1.31 -11.20 -13.50
N SER A 26 2.08 -10.12 -13.35
CA SER A 26 3.24 -10.17 -12.47
C SER A 26 2.83 -10.43 -11.02
N SER A 27 1.76 -9.78 -10.56
CA SER A 27 1.33 -9.98 -9.18
C SER A 27 0.80 -11.38 -8.95
N LEU A 28 0.12 -11.97 -9.94
CA LEU A 28 -0.31 -13.36 -9.79
C LEU A 28 0.88 -14.30 -9.74
N ALA A 29 1.91 -14.03 -10.55
CA ALA A 29 3.10 -14.86 -10.53
C ALA A 29 3.79 -14.80 -9.17
N SER A 30 3.84 -13.61 -8.56
CA SER A 30 4.44 -13.51 -7.22
C SER A 30 3.58 -14.19 -6.16
N TRP A 31 2.26 -14.07 -6.25
CA TRP A 31 1.38 -14.71 -5.28
C TRP A 31 1.54 -16.21 -5.30
N ASN A 32 1.63 -16.81 -6.50
CA ASN A 32 1.79 -18.26 -6.56
C ASN A 32 3.11 -18.72 -5.98
N TYR A 33 4.09 -17.84 -5.81
CA TYR A 33 5.34 -18.22 -5.18
C TYR A 33 5.32 -18.04 -3.67
N ASN A 34 4.72 -16.95 -3.19
CA ASN A 34 4.71 -16.73 -1.73
C ASN A 34 3.89 -17.80 -1.01
N THR A 35 2.77 -18.22 -1.58
CA THR A 35 1.91 -19.22 -0.95
C THR A 35 2.32 -20.64 -1.30
N ASN A 36 3.31 -20.84 -2.17
CA ASN A 36 3.78 -22.19 -2.49
C ASN A 36 5.24 -22.07 -2.88
N ILE A 37 6.14 -22.34 -1.95
CA ILE A 37 7.57 -22.24 -2.20
C ILE A 37 8.02 -23.51 -2.92
N THR A 38 8.39 -23.36 -4.19
CA THR A 38 8.85 -24.47 -5.01
C THR A 38 10.01 -23.97 -5.86
N ASP A 39 10.33 -24.71 -6.91
CA ASP A 39 11.45 -24.38 -7.79
C ASP A 39 11.00 -23.82 -9.15
N GLU A 40 9.91 -24.35 -9.70
CA GLU A 40 9.37 -23.86 -10.96
C GLU A 40 8.77 -22.46 -10.80
N ASN A 41 8.09 -22.23 -9.68
CA ASN A 41 7.41 -20.96 -9.46
C ASN A 41 8.40 -19.81 -9.38
N VAL A 42 9.61 -20.05 -8.90
CA VAL A 42 10.62 -19.00 -8.87
C VAL A 42 10.96 -18.53 -10.28
N GLN A 43 11.16 -19.48 -11.20
CA GLN A 43 11.46 -19.11 -12.58
C GLN A 43 10.29 -18.40 -13.23
N LYS A 44 9.07 -18.85 -12.97
CA LYS A 44 7.90 -18.16 -13.53
C LYS A 44 7.81 -16.72 -13.02
N MET A 45 8.05 -16.52 -11.73
CA MET A 45 8.03 -15.18 -11.14
C MET A 45 9.11 -14.30 -11.74
N ASN A 46 10.30 -14.84 -11.94
CA ASN A 46 11.38 -14.06 -12.53
C ASN A 46 11.03 -13.63 -13.95
N GLU A 47 10.46 -14.53 -14.75
CA GLU A 47 10.08 -14.17 -16.10
C GLU A 47 9.02 -13.06 -16.10
N ALA A 48 8.01 -13.18 -15.25
CA ALA A 48 6.95 -12.17 -15.23
C ALA A 48 7.49 -10.80 -14.81
N ARG A 49 8.32 -10.77 -13.77
CA ARG A 49 8.86 -9.49 -13.32
C ARG A 49 9.77 -8.87 -14.37
N ALA A 50 10.57 -9.69 -15.07
CA ALA A 50 11.42 -9.16 -16.11
C ALA A 50 10.59 -8.56 -17.25
N LYS A 51 9.50 -9.24 -17.64
CA LYS A 51 8.65 -8.70 -18.70
C LYS A 51 8.04 -7.37 -18.30
N TRP A 52 7.52 -7.29 -17.07
CA TRP A 52 6.91 -6.03 -16.63
C TRP A 52 7.94 -4.91 -16.56
N SER A 53 9.14 -5.21 -16.07
CA SER A 53 10.18 -4.18 -15.99
C SER A 53 10.59 -3.69 -17.37
N ALA A 54 10.71 -4.60 -18.34
CA ALA A 54 11.07 -4.19 -19.69
C ALA A 54 10.01 -3.28 -20.30
N PHE A 55 8.72 -3.65 -20.13
CA PHE A 55 7.66 -2.81 -20.68
C PHE A 55 7.67 -1.42 -20.05
N TYR A 56 7.85 -1.36 -18.73
CA TYR A 56 7.90 -0.07 -18.07
C TYR A 56 9.08 0.76 -18.54
N GLU A 57 10.23 0.12 -18.78
CA GLU A 57 11.39 0.86 -19.26
C GLU A 57 11.11 1.47 -20.63
N GLU A 58 10.51 0.70 -21.54
CA GLU A 58 10.21 1.27 -22.85
C GLU A 58 9.21 2.41 -22.76
N GLN A 59 8.17 2.27 -21.93
CA GLN A 59 7.20 3.35 -21.82
C GLN A 59 7.78 4.59 -21.14
N SER A 60 8.80 4.43 -20.29
CA SER A 60 9.43 5.60 -19.68
C SER A 60 10.09 6.47 -20.73
N LYS A 61 10.83 5.87 -21.68
CA LYS A 61 11.39 6.65 -22.77
C LYS A 61 10.31 7.16 -23.71
N ALA A 62 9.25 6.39 -23.89
CA ALA A 62 8.16 6.82 -24.76
C ALA A 62 7.51 8.10 -24.23
N ALA A 63 7.36 8.21 -22.91
CA ALA A 63 6.65 9.34 -22.33
C ALA A 63 7.42 10.65 -22.42
N LYS A 64 8.73 10.61 -22.62
CA LYS A 64 9.53 11.83 -22.57
C LYS A 64 9.36 12.72 -23.80
N MET A 65 8.73 12.24 -24.87
CA MET A 65 8.59 13.05 -26.07
C MET A 65 7.63 14.22 -25.87
N PHE A 66 6.77 14.17 -24.86
CA PHE A 66 5.79 15.22 -24.60
C PHE A 66 6.29 16.10 -23.47
N SER A 67 6.40 17.39 -23.73
CA SER A 67 6.92 18.33 -22.74
C SER A 67 5.91 18.55 -21.61
N LEU A 68 6.40 19.10 -20.51
CA LEU A 68 5.56 19.35 -19.34
C LEU A 68 5.15 20.81 -19.18
N GLU A 69 5.85 21.73 -19.84
CA GLU A 69 5.47 23.13 -19.77
C GLU A 69 4.24 23.46 -20.60
N GLU A 70 3.91 22.60 -21.57
CA GLU A 70 2.77 22.83 -22.45
C GLU A 70 1.50 22.15 -21.98
N ILE A 71 1.51 21.53 -20.80
CA ILE A 71 0.36 20.82 -20.26
C ILE A 71 -0.24 21.66 -19.15
N GLN A 72 -1.55 21.93 -19.24
CA GLN A 72 -2.24 22.72 -18.23
C GLN A 72 -2.89 21.85 -17.16
N ASP A 73 -3.48 20.72 -17.56
CA ASP A 73 -4.22 19.90 -16.61
C ASP A 73 -3.30 19.36 -15.52
N LEU A 74 -3.75 19.48 -14.27
CA LEU A 74 -2.92 19.06 -13.15
C LEU A 74 -2.85 17.55 -13.04
N THR A 75 -3.98 16.86 -13.19
CA THR A 75 -3.98 15.40 -13.09
C THR A 75 -3.17 14.77 -14.23
N LEU A 76 -3.31 15.29 -15.45
CA LEU A 76 -2.52 14.79 -16.56
C LEU A 76 -1.04 15.03 -16.33
N LYS A 77 -0.69 16.20 -15.80
CA LYS A 77 0.71 16.49 -15.52
C LYS A 77 1.26 15.57 -14.44
N ARG A 78 0.47 15.30 -13.40
CA ARG A 78 0.92 14.36 -12.36
C ARG A 78 1.11 12.96 -12.92
N GLN A 79 0.18 12.50 -13.75
CA GLN A 79 0.31 11.16 -14.33
C GLN A 79 1.54 11.07 -15.23
N LEU A 80 1.77 12.08 -16.06
CA LEU A 80 2.93 12.02 -16.95
C LEU A 80 4.23 12.21 -16.19
N GLN A 81 4.23 13.03 -15.14
CA GLN A 81 5.43 13.22 -14.33
C GLN A 81 5.81 11.95 -13.58
N ALA A 82 4.81 11.17 -13.16
CA ALA A 82 5.11 9.90 -12.51
C ALA A 82 5.83 8.95 -13.47
N LEU A 83 5.43 8.94 -14.74
CA LEU A 83 6.01 8.02 -15.70
C LEU A 83 7.31 8.52 -16.32
N GLN A 84 7.54 9.83 -16.33
CA GLN A 84 8.72 10.37 -17.02
C GLN A 84 10.02 9.97 -16.35
N GLN A 85 10.01 9.76 -15.04
CA GLN A 85 11.24 9.45 -14.32
C GLN A 85 11.85 8.15 -14.79
N SER A 86 13.15 8.16 -15.07
CA SER A 86 13.86 6.99 -15.56
C SER A 86 14.53 6.20 -14.43
N GLY A 87 15.44 6.85 -13.70
CA GLY A 87 16.14 6.18 -12.62
C GLY A 87 17.60 5.92 -12.92
N THR A 88 18.00 4.66 -12.86
CA THR A 88 19.40 4.28 -13.08
C THR A 88 19.74 4.15 -14.57
N SER A 89 18.75 4.21 -15.45
CA SER A 89 19.01 4.06 -16.88
C SER A 89 19.76 5.25 -17.46
N ALA A 90 19.78 6.38 -16.75
CA ALA A 90 20.48 7.56 -17.26
C ALA A 90 21.99 7.40 -17.24
N LEU A 91 22.51 6.45 -16.47
CA LEU A 91 23.94 6.22 -16.39
C LEU A 91 24.42 5.46 -17.64
N SER A 92 25.74 5.35 -17.76
CA SER A 92 26.33 4.54 -18.81
C SER A 92 26.11 3.05 -18.50
N ALA A 93 26.18 2.24 -19.56
CA ALA A 93 25.88 0.82 -19.41
C ALA A 93 26.86 0.13 -18.47
N ASP A 94 28.15 0.43 -18.60
CA ASP A 94 29.14 -0.20 -17.73
C ASP A 94 28.96 0.26 -16.29
N LYS A 95 28.63 1.54 -16.09
CA LYS A 95 28.38 2.05 -14.75
C LYS A 95 27.13 1.43 -14.14
N SER A 96 26.09 1.22 -14.95
CA SER A 96 24.89 0.54 -14.47
C SER A 96 25.20 -0.89 -14.07
N LYS A 97 25.99 -1.60 -14.88
CA LYS A 97 26.37 -2.97 -14.53
C LYS A 97 27.17 -3.00 -13.24
N ARG A 98 28.06 -2.02 -13.06
CA ARG A 98 28.86 -1.95 -11.83
C ARG A 98 27.96 -1.69 -10.62
N LEU A 99 26.98 -0.79 -10.76
CA LEU A 99 26.04 -0.54 -9.67
C LEU A 99 25.26 -1.79 -9.31
N ASN A 100 24.77 -2.51 -10.32
CA ASN A 100 23.98 -3.71 -10.06
C ASN A 100 24.82 -4.77 -9.36
N THR A 101 26.06 -4.98 -9.80
CA THR A 101 26.88 -6.01 -9.18
C THR A 101 27.33 -5.59 -7.78
N ILE A 102 27.54 -4.30 -7.54
CA ILE A 102 27.87 -3.84 -6.19
C ILE A 102 26.71 -4.08 -5.24
N LEU A 103 25.49 -3.74 -5.66
CA LEU A 103 24.34 -3.94 -4.80
C LEU A 103 24.08 -5.42 -4.54
N ASN A 104 24.23 -6.26 -5.57
CA ASN A 104 24.06 -7.69 -5.37
C ASN A 104 25.13 -8.27 -4.45
N THR A 105 26.37 -7.79 -4.55
CA THR A 105 27.42 -8.25 -3.64
C THR A 105 27.10 -7.85 -2.21
N MET A 106 26.59 -6.62 -2.00
CA MET A 106 26.21 -6.21 -0.65
C MET A 106 25.08 -7.06 -0.10
N SER A 107 24.07 -7.36 -0.93
CA SER A 107 22.97 -8.19 -0.45
C SER A 107 23.47 -9.60 -0.09
N THR A 108 24.36 -10.15 -0.91
CA THR A 108 24.87 -11.49 -0.66
C THR A 108 25.71 -11.55 0.62
N ILE A 109 26.55 -10.54 0.84
CA ILE A 109 27.38 -10.57 2.05
C ILE A 109 26.52 -10.38 3.29
N TYR A 110 25.51 -9.49 3.23
CA TYR A 110 24.65 -9.32 4.38
C TYR A 110 23.86 -10.59 4.69
N SER A 111 23.33 -11.25 3.66
CA SER A 111 22.49 -12.41 3.89
C SER A 111 23.29 -13.63 4.35
N SER A 112 24.58 -13.69 4.03
CA SER A 112 25.42 -14.83 4.36
C SER A 112 26.40 -14.53 5.50
N GLY A 113 26.09 -13.55 6.33
CA GLY A 113 26.95 -13.22 7.45
C GLY A 113 27.10 -14.35 8.45
N LYS A 114 28.33 -14.62 8.88
CA LYS A 114 28.63 -15.70 9.81
C LYS A 114 29.51 -15.16 10.93
N VAL A 115 29.19 -15.57 12.17
CA VAL A 115 30.01 -15.24 13.32
C VAL A 115 30.35 -16.54 14.04
N LEU A 116 31.51 -16.57 14.68
CA LEU A 116 32.01 -17.75 15.35
C LEU A 116 31.99 -17.54 16.86
N ASP A 117 31.26 -18.39 17.56
CA ASP A 117 31.24 -18.35 19.01
C ASP A 117 32.60 -18.75 19.56
N PRO A 118 33.02 -18.17 20.69
CA PRO A 118 34.26 -18.63 21.33
C PRO A 118 34.27 -20.12 21.61
N ASN A 119 33.11 -20.70 21.95
CA ASN A 119 32.98 -22.15 21.97
C ASN A 119 32.93 -22.67 20.54
N THR A 120 33.94 -23.44 20.15
CA THR A 120 34.10 -23.83 18.75
C THR A 120 32.95 -24.69 18.25
N GLN A 121 32.22 -25.36 19.14
CA GLN A 121 31.11 -26.22 18.73
C GLN A 121 29.91 -25.45 18.22
N GLU A 122 29.88 -24.12 18.40
CA GLU A 122 28.73 -23.31 18.03
C GLU A 122 29.12 -22.30 16.96
N CYS A 123 28.35 -22.27 15.88
CA CYS A 123 28.47 -21.25 14.84
C CYS A 123 27.09 -20.64 14.63
N LEU A 124 26.99 -19.33 14.80
CA LEU A 124 25.70 -18.65 14.82
C LEU A 124 25.60 -17.63 13.69
N VAL A 125 24.38 -17.46 13.19
CA VAL A 125 24.07 -16.42 12.22
C VAL A 125 23.17 -15.39 12.90
N LEU A 126 22.88 -14.31 12.18
CA LEU A 126 21.99 -13.29 12.72
C LEU A 126 20.59 -13.83 12.96
N GLU A 127 20.07 -14.61 12.02
CA GLU A 127 18.72 -15.14 12.12
C GLU A 127 18.78 -16.65 12.35
N PRO A 128 18.37 -17.16 13.51
CA PRO A 128 17.93 -16.42 14.70
C PRO A 128 18.90 -16.55 15.88
N GLY A 129 20.09 -17.12 15.66
CA GLY A 129 20.98 -17.40 16.78
C GLY A 129 21.47 -16.16 17.48
N LEU A 130 21.91 -15.16 16.70
CA LEU A 130 22.43 -13.94 17.31
C LEU A 130 21.31 -13.10 17.92
N ASP A 131 20.14 -13.08 17.27
CA ASP A 131 19.02 -12.31 17.79
C ASP A 131 18.55 -12.87 19.12
N ASP A 132 18.47 -14.20 19.24
CA ASP A 132 18.07 -14.79 20.52
C ASP A 132 19.02 -14.42 21.64
N ILE A 133 20.30 -14.26 21.33
CA ILE A 133 21.26 -13.78 22.32
C ILE A 133 20.97 -12.33 22.67
N MET A 134 20.72 -11.49 21.66
CA MET A 134 20.59 -10.06 21.91
C MET A 134 19.32 -9.72 22.68
N GLU A 135 18.17 -10.23 22.26
CA GLU A 135 16.91 -9.84 22.89
C GLU A 135 16.76 -10.45 24.28
N ASN A 136 17.06 -11.74 24.41
CA ASN A 136 16.84 -12.48 25.66
C ASN A 136 18.19 -12.82 26.28
N SER A 137 18.71 -11.91 27.09
CA SER A 137 19.91 -12.14 27.87
C SER A 137 19.99 -11.07 28.96
N GLN A 138 20.75 -11.38 30.01
CA GLN A 138 20.95 -10.42 31.09
C GLN A 138 22.39 -10.42 31.60
N ASP A 139 23.33 -10.81 30.75
CA ASP A 139 24.74 -10.73 31.07
C ASP A 139 25.43 -9.73 30.14
N TYR A 140 26.62 -9.28 30.54
CA TYR A 140 27.31 -8.23 29.81
C TYR A 140 28.30 -8.79 28.80
N SER A 141 28.98 -9.88 29.12
CA SER A 141 30.07 -10.37 28.27
C SER A 141 29.54 -10.98 26.98
N ARG A 142 28.46 -11.76 27.06
CA ARG A 142 27.93 -12.40 25.86
C ARG A 142 27.40 -11.37 24.88
N ARG A 143 26.65 -10.38 25.37
CA ARG A 143 26.17 -9.33 24.48
C ARG A 143 27.33 -8.51 23.93
N LEU A 144 28.36 -8.28 24.74
CA LEU A 144 29.53 -7.54 24.26
C LEU A 144 30.19 -8.27 23.10
N TRP A 145 30.45 -9.57 23.27
CA TRP A 145 31.16 -10.30 22.21
C TRP A 145 30.29 -10.43 20.97
N ALA A 146 28.98 -10.65 21.13
CA ALA A 146 28.12 -10.73 19.96
C ALA A 146 28.06 -9.41 19.20
N TRP A 147 27.89 -8.31 19.94
CA TRP A 147 27.75 -7.01 19.30
C TRP A 147 29.04 -6.62 18.57
N GLU A 148 30.19 -6.88 19.18
CA GLU A 148 31.43 -6.57 18.49
C GLU A 148 31.69 -7.53 17.34
N GLY A 149 31.32 -8.80 17.50
CA GLY A 149 31.65 -9.80 16.48
C GLY A 149 30.91 -9.56 15.17
N TRP A 150 29.61 -9.27 15.26
CA TRP A 150 28.86 -9.05 14.01
C TRP A 150 29.40 -7.85 13.24
N ARG A 151 29.66 -6.75 13.95
CA ARG A 151 30.22 -5.57 13.29
C ARG A 151 31.61 -5.86 12.74
N ALA A 152 32.45 -6.54 13.52
CA ALA A 152 33.82 -6.79 13.08
C ALA A 152 33.85 -7.71 11.86
N GLU A 153 32.88 -8.61 11.74
CA GLU A 153 32.87 -9.48 10.58
C GLU A 153 32.35 -8.75 9.35
N VAL A 154 31.22 -8.04 9.47
CA VAL A 154 30.61 -7.50 8.25
C VAL A 154 31.15 -6.13 7.83
N GLY A 155 31.51 -5.26 8.77
CA GLY A 155 31.90 -3.90 8.41
C GLY A 155 33.21 -3.85 7.64
N LYS A 156 34.15 -4.72 7.98
CA LYS A 156 35.44 -4.70 7.31
C LYS A 156 35.29 -4.93 5.80
N GLN A 157 34.45 -5.89 5.41
CA GLN A 157 34.23 -6.14 4.00
C GLN A 157 33.27 -5.14 3.37
N LEU A 158 32.28 -4.63 4.12
CA LEU A 158 31.33 -3.71 3.53
C LEU A 158 31.85 -2.29 3.39
N ARG A 159 32.91 -1.92 4.11
CA ARG A 159 33.40 -0.55 4.07
C ARG A 159 33.93 -0.14 2.70
N PRO A 160 34.82 -0.89 2.04
CA PRO A 160 35.31 -0.43 0.73
C PRO A 160 34.23 -0.31 -0.32
N LEU A 161 33.21 -1.18 -0.26
CA LEU A 161 32.14 -1.13 -1.26
C LEU A 161 31.31 0.13 -1.12
N TYR A 162 31.12 0.61 0.11
CA TYR A 162 30.23 1.74 0.35
C TYR A 162 30.73 3.00 -0.32
N GLU A 163 32.04 3.21 -0.34
CA GLU A 163 32.58 4.43 -0.95
C GLU A 163 32.29 4.47 -2.44
N GLU A 164 32.51 3.34 -3.13
CA GLU A 164 32.20 3.25 -4.55
C GLU A 164 30.70 3.38 -4.79
N TYR A 165 29.89 2.79 -3.90
CA TYR A 165 28.44 2.94 -4.02
C TYR A 165 28.02 4.40 -3.87
N VAL A 166 28.65 5.12 -2.95
CA VAL A 166 28.30 6.52 -2.72
C VAL A 166 28.66 7.36 -3.92
N VAL A 167 29.87 7.18 -4.47
CA VAL A 167 30.27 8.02 -5.59
C VAL A 167 29.44 7.70 -6.83
N LEU A 168 29.14 6.41 -7.06
CA LEU A 168 28.35 6.05 -8.24
C LEU A 168 26.91 6.53 -8.12
N GLU A 169 26.31 6.37 -6.93
CA GLU A 169 24.94 6.84 -6.74
C GLU A 169 24.87 8.36 -6.80
N ASN A 170 25.91 9.06 -6.33
CA ASN A 170 25.95 10.49 -6.50
C ASN A 170 26.06 10.88 -7.97
N GLU A 171 26.84 10.13 -8.76
CA GLU A 171 26.88 10.41 -10.19
C GLU A 171 25.51 10.23 -10.84
N MET A 172 24.79 9.15 -10.46
CA MET A 172 23.46 8.96 -11.01
C MET A 172 22.53 10.11 -10.62
N ALA A 173 22.64 10.58 -9.38
CA ALA A 173 21.83 11.72 -8.96
C ALA A 173 22.19 13.00 -9.73
N ARG A 174 23.47 13.15 -10.10
CA ARG A 174 23.83 14.28 -10.96
C ARG A 174 23.24 14.12 -12.36
N ALA A 175 23.02 12.88 -12.81
CA ALA A 175 22.46 12.67 -14.14
C ALA A 175 21.07 13.30 -14.27
N ASN A 176 20.24 13.18 -13.25
CA ASN A 176 18.86 13.66 -13.29
C ASN A 176 18.70 15.05 -12.71
N ASN A 177 19.74 15.87 -12.74
CA ASN A 177 19.72 17.27 -12.28
C ASN A 177 19.45 17.39 -10.78
N TYR A 178 19.65 16.31 -10.02
CA TYR A 178 19.62 16.38 -8.57
C TYR A 178 21.02 16.67 -8.04
N GLU A 179 21.08 17.43 -6.94
CA GLU A 179 22.36 17.82 -6.38
C GLU A 179 23.14 16.61 -5.87
N ASP A 180 22.46 15.70 -5.17
CA ASP A 180 23.10 14.51 -4.63
C ASP A 180 22.03 13.45 -4.40
N TYR A 181 22.46 12.28 -3.97
CA TYR A 181 21.54 11.18 -3.75
C TYR A 181 20.53 11.48 -2.64
N GLY A 182 20.96 12.23 -1.62
CA GLY A 182 20.04 12.62 -0.57
C GLY A 182 18.88 13.45 -1.09
N ASP A 183 19.14 14.37 -2.01
CA ASP A 183 18.07 15.13 -2.62
C ASP A 183 17.15 14.24 -3.45
N TYR A 184 17.73 13.25 -4.14
CA TYR A 184 16.91 12.31 -4.90
C TYR A 184 15.99 11.53 -3.97
N TRP A 185 16.47 11.18 -2.78
CA TRP A 185 15.61 10.49 -1.81
C TRP A 185 14.57 11.43 -1.21
N ARG A 186 14.92 12.70 -0.98
CA ARG A 186 13.98 13.65 -0.42
C ARG A 186 12.98 14.16 -1.45
N GLY A 187 13.15 13.81 -2.71
CA GLY A 187 12.19 14.20 -3.72
C GLY A 187 10.84 13.51 -3.64
N ASP A 188 10.67 12.56 -2.71
CA ASP A 188 9.37 11.91 -2.54
C ASP A 188 8.39 12.73 -1.73
N TYR A 189 8.83 13.82 -1.12
CA TYR A 189 7.97 14.71 -0.34
C TYR A 189 7.79 16.06 -1.02
N GLU A 190 8.18 16.20 -2.28
CA GLU A 190 8.20 17.48 -2.96
C GLU A 190 6.91 17.68 -3.75
N VAL A 191 6.31 18.87 -3.59
CA VAL A 191 5.17 19.30 -4.39
C VAL A 191 5.56 20.61 -5.07
N THR A 192 5.41 20.66 -6.39
CA THR A 192 5.86 21.79 -7.19
C THR A 192 4.70 22.35 -8.01
N GLY A 193 4.52 23.67 -7.96
CA GLY A 193 3.58 24.34 -8.81
C GLY A 193 2.14 24.31 -8.34
N ALA A 194 1.85 23.64 -7.22
CA ALA A 194 0.46 23.57 -6.76
C ALA A 194 -0.04 24.93 -6.29
N GLY A 195 0.81 25.71 -5.63
CA GLY A 195 0.41 27.00 -5.11
C GLY A 195 0.75 27.15 -3.64
N ASP A 196 -0.26 27.39 -2.81
CA ASP A 196 -0.03 27.41 -1.37
C ASP A 196 0.29 26.02 -0.84
N TYR A 197 -0.24 24.98 -1.48
CA TYR A 197 0.03 23.60 -1.09
C TYR A 197 1.30 23.08 -1.78
N ASP A 198 2.42 23.74 -1.49
CA ASP A 198 3.70 23.37 -2.09
C ASP A 198 4.69 22.97 -1.00
N TYR A 199 5.72 22.24 -1.42
CA TYR A 199 6.73 21.73 -0.51
C TYR A 199 8.03 21.57 -1.26
N SER A 200 9.13 21.99 -0.64
CA SER A 200 10.44 21.95 -1.26
C SER A 200 11.26 20.82 -0.66
N ARG A 201 12.19 20.29 -1.47
CA ARG A 201 13.02 19.18 -1.01
C ARG A 201 13.92 19.59 0.15
N ASP A 202 14.24 20.87 0.27
CA ASP A 202 15.04 21.34 1.39
C ASP A 202 14.20 21.67 2.62
N GLN A 203 12.87 21.70 2.49
CA GLN A 203 12.01 21.98 3.62
C GLN A 203 11.86 20.77 4.55
N LEU A 204 12.08 19.56 4.02
CA LEU A 204 11.91 18.37 4.84
C LEU A 204 12.89 18.35 6.00
N ILE A 205 14.13 18.78 5.76
CA ILE A 205 15.11 18.81 6.85
C ILE A 205 14.67 19.78 7.94
N THR A 206 14.19 20.95 7.53
CA THR A 206 13.73 21.94 8.51
C THR A 206 12.57 21.41 9.33
N ASP A 207 11.60 20.77 8.67
CA ASP A 207 10.45 20.24 9.41
C ASP A 207 10.87 19.10 10.34
N VAL A 208 11.76 18.23 9.89
CA VAL A 208 12.20 17.12 10.73
C VAL A 208 12.93 17.64 11.96
N GLU A 209 13.84 18.60 11.78
CA GLU A 209 14.58 19.12 12.93
C GLU A 209 13.67 19.87 13.89
N ARG A 210 12.73 20.66 13.35
CA ARG A 210 11.81 21.38 14.22
C ARG A 210 10.93 20.43 15.02
N THR A 211 10.46 19.35 14.38
CA THR A 211 9.62 18.40 15.08
C THR A 211 10.40 17.63 16.14
N PHE A 212 11.66 17.28 15.85
CA PHE A 212 12.47 16.58 16.85
C PHE A 212 12.82 17.47 18.04
N ALA A 213 12.92 18.78 17.82
CA ALA A 213 13.24 19.69 18.91
C ALA A 213 12.19 19.62 20.02
N GLU A 214 10.90 19.54 19.64
CA GLU A 214 9.85 19.43 20.65
C GLU A 214 9.83 18.06 21.30
N ILE A 215 10.21 17.01 20.56
CA ILE A 215 10.11 15.65 21.09
C ILE A 215 11.20 15.38 22.11
N LYS A 216 12.37 16.02 21.97
CA LYS A 216 13.50 15.72 22.84
C LYS A 216 13.22 15.76 24.33
N PRO A 217 12.47 16.73 24.89
CA PRO A 217 12.25 16.72 26.35
C PRO A 217 11.61 15.45 26.90
N LEU A 218 10.64 14.88 26.19
CA LEU A 218 10.02 13.64 26.65
C LEU A 218 11.00 12.47 26.58
N TYR A 219 11.77 12.40 25.49
CA TYR A 219 12.73 11.33 25.32
C TYR A 219 13.81 11.38 26.38
N GLU A 220 14.18 12.59 26.82
CA GLU A 220 15.20 12.70 27.86
C GLU A 220 14.72 12.09 29.17
N GLN A 221 13.47 12.36 29.55
CA GLN A 221 12.90 11.74 30.75
C GLN A 221 12.85 10.23 30.63
N LEU A 222 12.41 9.73 29.47
CA LEU A 222 12.35 8.28 29.29
C LEU A 222 13.74 7.66 29.35
N HIS A 223 14.73 8.34 28.75
CA HIS A 223 16.10 7.87 28.78
C HIS A 223 16.65 7.81 30.19
N ALA A 224 16.38 8.83 31.00
CA ALA A 224 16.84 8.84 32.38
C ALA A 224 16.21 7.70 33.18
N TYR A 225 14.91 7.47 32.99
CA TYR A 225 14.25 6.38 33.70
C TYR A 225 14.83 5.03 33.30
N VAL A 226 15.06 4.82 32.01
CA VAL A 226 15.63 3.55 31.56
C VAL A 226 17.04 3.37 32.11
N ARG A 227 17.82 4.45 32.19
CA ARG A 227 19.16 4.35 32.76
C ARG A 227 19.10 3.96 34.24
N THR A 228 18.21 4.60 35.00
CA THR A 228 18.10 4.26 36.42
C THR A 228 17.68 2.82 36.62
N LYS A 229 16.79 2.31 35.76
CA LYS A 229 16.46 0.89 35.83
C LYS A 229 17.61 0.00 35.37
N LEU A 230 18.46 0.49 34.47
CA LEU A 230 19.63 -0.27 34.06
C LEU A 230 20.73 -0.27 35.12
N MET A 231 20.61 0.57 36.15
CA MET A 231 21.53 0.46 37.28
C MET A 231 21.45 -0.91 37.94
N ASP A 232 20.25 -1.44 38.13
CA ASP A 232 20.08 -2.66 38.91
C ASP A 232 20.55 -3.91 38.18
N ALA A 233 20.81 -3.85 36.88
CA ALA A 233 21.23 -5.02 36.12
C ALA A 233 22.72 -5.05 35.86
N TYR A 234 23.34 -3.91 35.58
CA TYR A 234 24.78 -3.81 35.31
C TYR A 234 25.36 -2.71 36.19
N PRO A 235 25.47 -2.95 37.49
CA PRO A 235 25.89 -1.87 38.40
C PRO A 235 27.29 -1.33 38.12
N SER A 236 28.21 -2.17 37.65
CA SER A 236 29.61 -1.80 37.55
C SER A 236 30.02 -1.36 36.15
N HIS A 237 29.10 -1.23 35.21
CA HIS A 237 29.45 -0.93 33.84
C HIS A 237 28.75 0.28 33.25
N ILE A 238 27.90 0.97 34.01
CA ILE A 238 27.18 2.14 33.52
C ILE A 238 27.35 3.28 34.51
N SER A 239 27.65 4.47 33.99
CA SER A 239 27.81 5.67 34.80
C SER A 239 26.45 6.25 35.19
N PRO A 240 26.36 6.90 36.35
CA PRO A 240 25.09 7.54 36.73
C PRO A 240 24.68 8.68 35.82
N THR A 241 25.62 9.27 35.07
CA THR A 241 25.30 10.40 34.19
C THR A 241 25.82 10.20 32.77
N GLY A 242 26.34 9.02 32.44
CA GLY A 242 26.86 8.77 31.11
C GLY A 242 25.81 8.22 30.15
N CYS A 243 26.22 8.08 28.89
CA CYS A 243 25.34 7.54 27.87
C CYS A 243 25.22 6.03 28.00
N LEU A 244 24.08 5.51 27.57
CA LEU A 244 23.84 4.08 27.65
C LEU A 244 24.69 3.35 26.61
N PRO A 245 25.35 2.25 26.97
CA PRO A 245 26.11 1.50 25.97
C PRO A 245 25.19 0.92 24.89
N ALA A 246 25.75 0.79 23.69
CA ALA A 246 24.93 0.43 22.54
C ALA A 246 24.51 -1.03 22.52
N HIS A 247 25.19 -1.90 23.28
CA HIS A 247 24.89 -3.32 23.27
C HIS A 247 23.92 -3.72 24.37
N LEU A 248 23.35 -2.76 25.09
CA LEU A 248 22.35 -3.02 26.13
C LEU A 248 21.01 -2.38 25.80
N LEU A 249 20.70 -2.25 24.51
CA LEU A 249 19.52 -1.52 24.08
C LEU A 249 18.36 -2.43 23.67
N GLY A 250 18.48 -3.74 23.89
CA GLY A 250 17.37 -4.65 23.70
C GLY A 250 17.39 -5.42 22.40
N ASP A 251 18.14 -4.98 21.40
CA ASP A 251 18.28 -5.75 20.17
C ASP A 251 19.65 -5.45 19.57
N MET A 252 19.84 -5.82 18.30
CA MET A 252 21.16 -5.73 17.69
C MET A 252 21.59 -4.28 17.48
N TRP A 253 20.67 -3.42 17.07
CA TRP A 253 21.03 -2.04 16.71
C TRP A 253 20.46 -1.00 17.66
N GLY A 254 19.60 -1.37 18.60
CA GLY A 254 18.97 -0.40 19.46
C GLY A 254 17.82 0.34 18.83
N ARG A 255 17.27 -0.17 17.73
CA ARG A 255 16.19 0.53 17.02
C ARG A 255 14.93 0.61 17.89
N PHE A 256 14.58 -0.50 18.56
CA PHE A 256 13.43 -0.54 19.44
C PHE A 256 13.87 -0.92 20.85
N TRP A 257 13.27 -0.29 21.85
CA TRP A 257 13.54 -0.58 23.25
C TRP A 257 12.48 -1.47 23.87
N THR A 258 11.69 -2.17 23.05
CA THR A 258 10.59 -2.98 23.57
C THR A 258 11.10 -4.10 24.45
N ASN A 259 12.21 -4.74 24.06
CA ASN A 259 12.75 -5.87 24.80
C ASN A 259 13.23 -5.49 26.18
N LEU A 260 13.38 -4.20 26.47
CA LEU A 260 13.76 -3.75 27.81
C LEU A 260 12.56 -3.66 28.75
N TYR A 261 11.36 -3.98 28.28
CA TYR A 261 10.17 -3.86 29.11
C TYR A 261 10.23 -4.71 30.37
N PRO A 262 10.59 -6.01 30.33
CA PRO A 262 10.62 -6.78 31.58
C PRO A 262 11.56 -6.22 32.63
N LEU A 263 12.66 -5.59 32.22
CA LEU A 263 13.59 -5.00 33.18
C LEU A 263 13.04 -3.69 33.75
N THR A 264 12.35 -2.90 32.93
CA THR A 264 11.97 -1.54 33.28
C THR A 264 10.46 -1.39 33.48
N VAL A 265 9.75 -2.48 33.75
CA VAL A 265 8.29 -2.37 33.95
C VAL A 265 8.01 -1.58 35.22
N PRO A 266 7.11 -0.58 35.19
CA PRO A 266 6.84 0.21 36.39
C PRO A 266 6.31 -0.60 37.55
N PHE A 267 5.21 -1.31 37.34
CA PHE A 267 4.60 -2.16 38.35
C PHE A 267 4.58 -3.59 37.82
N GLY A 268 5.55 -4.40 38.24
CA GLY A 268 5.64 -5.76 37.76
C GLY A 268 4.66 -6.74 38.36
N GLN A 269 3.92 -6.32 39.38
CA GLN A 269 2.95 -7.18 40.03
C GLN A 269 1.58 -7.18 39.34
N LYS A 270 1.41 -6.35 38.31
CA LYS A 270 0.14 -6.26 37.62
C LYS A 270 0.28 -6.85 36.22
N PRO A 271 -0.46 -7.91 35.88
CA PRO A 271 -0.32 -8.50 34.55
C PRO A 271 -1.06 -7.69 33.49
N SER A 272 -0.48 -7.64 32.30
CA SER A 272 -1.06 -6.89 31.20
C SER A 272 -2.33 -7.56 30.69
N ILE A 273 -3.13 -6.79 29.95
CA ILE A 273 -4.39 -7.29 29.42
C ILE A 273 -4.09 -8.29 28.31
N ASP A 274 -4.56 -9.52 28.49
CA ASP A 274 -4.39 -10.59 27.50
C ASP A 274 -5.69 -11.38 27.43
N VAL A 275 -6.38 -11.29 26.31
CA VAL A 275 -7.68 -11.94 26.14
C VAL A 275 -7.56 -13.25 25.38
N THR A 276 -6.35 -13.81 25.27
CA THR A 276 -6.19 -15.09 24.59
C THR A 276 -6.91 -16.21 25.33
N ARG A 277 -6.86 -16.19 26.67
CA ARG A 277 -7.50 -17.24 27.46
C ARG A 277 -9.00 -17.26 27.23
N GLU A 278 -9.63 -16.09 27.23
CA GLU A 278 -11.06 -16.02 26.94
C GLU A 278 -11.36 -16.15 25.46
N MET A 279 -10.37 -15.93 24.60
CA MET A 279 -10.57 -16.17 23.17
C MET A 279 -10.60 -17.67 22.87
N GLU A 280 -9.90 -18.47 23.67
CA GLU A 280 -9.97 -19.92 23.55
C GLU A 280 -11.08 -20.53 24.41
N ASN A 281 -11.73 -19.74 25.26
CA ASN A 281 -12.87 -20.24 26.03
C ASN A 281 -14.16 -20.21 25.25
N GLN A 282 -14.19 -19.55 24.09
CA GLN A 282 -15.37 -19.54 23.22
C GLN A 282 -15.12 -20.24 21.90
N SER A 283 -13.99 -20.94 21.77
CA SER A 283 -13.65 -21.68 20.55
C SER A 283 -13.62 -20.78 19.33
N TRP A 284 -12.93 -19.65 19.45
CA TRP A 284 -12.75 -18.74 18.33
C TRP A 284 -11.80 -19.35 17.29
N ASP A 285 -12.23 -19.33 16.03
CA ASP A 285 -11.38 -19.72 14.93
C ASP A 285 -10.88 -18.48 14.18
N THR A 286 -10.00 -18.70 13.21
CA THR A 286 -9.39 -17.60 12.48
C THR A 286 -10.43 -16.80 11.70
N LYS A 287 -11.37 -17.50 11.07
CA LYS A 287 -12.38 -16.83 10.28
C LYS A 287 -13.22 -15.90 11.15
N ARG A 288 -13.47 -16.29 12.41
CA ARG A 288 -14.16 -15.39 13.32
C ARG A 288 -13.31 -14.16 13.63
N ILE A 289 -11.99 -14.32 13.76
CA ILE A 289 -11.13 -13.19 14.01
C ILE A 289 -11.23 -12.18 12.87
N PHE A 290 -11.16 -12.68 11.63
CA PHE A 290 -11.27 -11.77 10.50
C PHE A 290 -12.69 -11.24 10.32
N LYS A 291 -13.70 -11.95 10.82
CA LYS A 291 -15.07 -11.46 10.74
C LYS A 291 -15.32 -10.33 11.72
N GLU A 292 -14.76 -10.42 12.93
CA GLU A 292 -14.85 -9.28 13.85
C GLU A 292 -14.03 -8.10 13.36
N ALA A 293 -12.87 -8.38 12.73
CA ALA A 293 -12.11 -7.30 12.12
C ALA A 293 -12.91 -6.61 11.03
N GLU A 294 -13.65 -7.38 10.23
CA GLU A 294 -14.52 -6.80 9.21
C GLU A 294 -15.66 -5.99 9.83
N LYS A 295 -16.24 -6.50 10.92
CA LYS A 295 -17.33 -5.78 11.57
C LYS A 295 -16.86 -4.43 12.11
N PHE A 296 -15.62 -4.35 12.58
CA PHE A 296 -15.11 -3.08 13.08
C PHE A 296 -15.15 -2.01 11.99
N PHE A 297 -14.71 -2.36 10.78
CA PHE A 297 -14.73 -1.39 9.68
C PHE A 297 -16.14 -1.16 9.15
N VAL A 298 -17.03 -2.16 9.27
CA VAL A 298 -18.41 -1.95 8.87
C VAL A 298 -19.08 -0.92 9.76
N SER A 299 -18.80 -0.98 11.06
CA SER A 299 -19.49 -0.12 12.02
C SER A 299 -19.19 1.37 11.82
N ILE A 300 -18.05 1.72 11.23
CA ILE A 300 -17.66 3.12 11.09
C ILE A 300 -18.00 3.68 9.71
N GLY A 301 -18.71 2.91 8.88
CA GLY A 301 -19.16 3.39 7.59
C GLY A 301 -18.36 2.94 6.40
N LEU A 302 -17.19 2.35 6.61
CA LEU A 302 -16.38 1.87 5.51
C LEU A 302 -17.02 0.64 4.88
N PRO A 303 -16.70 0.35 3.60
CA PRO A 303 -17.39 -0.75 2.90
C PRO A 303 -17.05 -2.13 3.43
N ASN A 304 -17.60 -3.15 2.80
CA ASN A 304 -17.46 -4.54 3.21
C ASN A 304 -16.42 -5.25 2.34
N MET A 305 -15.87 -6.33 2.87
CA MET A 305 -14.91 -7.13 2.14
C MET A 305 -15.58 -7.85 0.97
N THR A 306 -14.87 -7.91 -0.16
CA THR A 306 -15.41 -8.54 -1.35
C THR A 306 -15.47 -10.05 -1.20
N GLN A 307 -16.27 -10.68 -2.05
CA GLN A 307 -16.45 -12.14 -1.96
C GLN A 307 -15.16 -12.88 -2.28
N GLY A 308 -14.43 -12.43 -3.32
CA GLY A 308 -13.19 -13.09 -3.67
C GLY A 308 -12.12 -13.01 -2.61
N PHE A 309 -12.22 -12.04 -1.70
CA PHE A 309 -11.30 -11.95 -0.59
C PHE A 309 -11.36 -13.20 0.28
N TRP A 310 -12.57 -13.72 0.51
CA TRP A 310 -12.72 -14.86 1.41
C TRP A 310 -12.21 -16.15 0.77
N ASP A 311 -12.39 -16.30 -0.54
CA ASP A 311 -11.98 -17.53 -1.20
C ASP A 311 -10.49 -17.54 -1.51
N ASN A 312 -9.98 -16.47 -2.12
CA ASN A 312 -8.61 -16.49 -2.63
C ASN A 312 -7.57 -16.34 -1.52
N SER A 313 -7.88 -15.60 -0.46
CA SER A 313 -6.88 -15.28 0.54
C SER A 313 -6.46 -16.52 1.33
N MET A 314 -5.19 -16.53 1.74
CA MET A 314 -4.63 -17.56 2.61
C MET A 314 -4.70 -17.03 4.04
N LEU A 315 -5.78 -17.35 4.73
CA LEU A 315 -6.01 -16.87 6.09
C LEU A 315 -5.52 -17.83 7.16
N THR A 316 -4.89 -18.93 6.78
CA THR A 316 -4.34 -19.87 7.74
C THR A 316 -3.24 -20.68 7.08
N GLU A 317 -2.40 -21.28 7.91
CA GLU A 317 -1.29 -22.08 7.40
C GLU A 317 -1.82 -23.37 6.79
N PRO A 318 -1.47 -23.68 5.54
CA PRO A 318 -1.98 -24.92 4.93
C PRO A 318 -1.37 -26.15 5.56
N GLY A 319 -2.12 -27.25 5.49
CA GLY A 319 -1.69 -28.49 6.10
C GLY A 319 -1.57 -29.65 5.13
N ASP A 320 -1.46 -29.35 3.83
CA ASP A 320 -1.31 -30.37 2.80
C ASP A 320 0.14 -30.54 2.35
N GLY A 321 1.09 -29.99 3.10
CA GLY A 321 2.49 -30.10 2.77
C GLY A 321 3.07 -28.89 2.07
N ARG A 322 2.25 -27.92 1.72
CA ARG A 322 2.75 -26.72 1.05
C ARG A 322 3.54 -25.86 2.03
N LYS A 323 4.70 -25.36 1.58
CA LYS A 323 5.52 -24.45 2.35
C LYS A 323 5.23 -23.02 1.91
N VAL A 324 5.05 -22.12 2.87
CA VAL A 324 4.61 -20.77 2.59
C VAL A 324 5.57 -19.77 3.26
N VAL A 325 5.41 -18.51 2.89
CA VAL A 325 6.10 -17.40 3.55
C VAL A 325 5.10 -16.78 4.52
N CYS A 326 5.46 -16.76 5.81
CA CYS A 326 4.51 -16.46 6.87
C CYS A 326 4.53 -15.00 7.31
N HIS A 327 5.20 -14.13 6.58
CA HIS A 327 5.18 -12.72 6.91
C HIS A 327 3.81 -12.13 6.55
N PRO A 328 3.09 -11.52 7.49
CA PRO A 328 1.76 -10.98 7.17
C PRO A 328 1.83 -9.88 6.13
N THR A 329 1.06 -10.03 5.06
CA THR A 329 1.01 -9.03 4.01
C THR A 329 -0.42 -8.84 3.51
N ALA A 330 -0.69 -7.66 2.98
CA ALA A 330 -1.93 -7.35 2.29
C ALA A 330 -1.60 -7.04 0.84
N TRP A 331 -2.21 -7.77 -0.08
CA TRP A 331 -1.88 -7.72 -1.50
C TRP A 331 -2.99 -7.02 -2.25
N ASP A 332 -2.60 -6.06 -3.10
CA ASP A 332 -3.49 -5.40 -4.04
C ASP A 332 -3.06 -5.86 -5.43
N LEU A 333 -3.61 -7.00 -5.87
CA LEU A 333 -3.13 -7.60 -7.10
C LEU A 333 -3.52 -6.80 -8.34
N GLY A 334 -4.52 -5.94 -8.24
CA GLY A 334 -5.05 -5.22 -9.36
C GLY A 334 -6.28 -5.89 -9.94
N LYS A 335 -6.96 -5.15 -10.81
CA LYS A 335 -8.21 -5.59 -11.42
C LYS A 335 -9.25 -5.93 -10.35
N GLY A 336 -9.26 -5.15 -9.28
CA GLY A 336 -10.23 -5.35 -8.22
C GLY A 336 -9.97 -6.55 -7.34
N ASP A 337 -8.74 -7.08 -7.35
CA ASP A 337 -8.39 -8.27 -6.58
C ASP A 337 -7.59 -7.86 -5.34
N PHE A 338 -8.12 -8.16 -4.17
CA PHE A 338 -7.50 -7.84 -2.89
C PHE A 338 -7.41 -9.11 -2.07
N ARG A 339 -6.23 -9.37 -1.49
CA ARG A 339 -6.01 -10.59 -0.72
C ARG A 339 -5.18 -10.26 0.52
N ILE A 340 -5.18 -11.19 1.48
CA ILE A 340 -4.37 -11.08 2.68
C ILE A 340 -3.68 -12.42 2.91
N LYS A 341 -2.37 -12.40 3.11
CA LYS A 341 -1.60 -13.60 3.43
C LYS A 341 -1.13 -13.51 4.86
N MET A 342 -1.47 -14.52 5.66
CA MET A 342 -1.20 -14.51 7.09
C MET A 342 -1.30 -15.92 7.63
N CYS A 343 -0.23 -16.38 8.30
CA CYS A 343 -0.27 -17.64 9.05
C CYS A 343 -0.79 -17.36 10.45
N THR A 344 -2.06 -16.99 10.51
CA THR A 344 -2.65 -16.50 11.75
C THR A 344 -2.78 -17.62 12.78
N LYS A 345 -2.91 -17.20 14.04
CA LYS A 345 -3.11 -18.09 15.17
C LYS A 345 -4.14 -17.48 16.09
N VAL A 346 -4.61 -18.26 17.07
CA VAL A 346 -5.58 -17.79 18.04
C VAL A 346 -4.80 -17.10 19.14
N THR A 347 -4.49 -15.82 18.92
CA THR A 347 -3.77 -15.00 19.88
C THR A 347 -4.26 -13.56 19.77
N MET A 348 -4.01 -12.79 20.82
CA MET A 348 -4.40 -11.39 20.82
C MET A 348 -3.60 -10.58 19.80
N ASP A 349 -2.31 -10.88 19.66
CA ASP A 349 -1.46 -10.14 18.75
C ASP A 349 -1.92 -10.30 17.31
N ASP A 350 -2.27 -11.53 16.92
CA ASP A 350 -2.80 -11.74 15.58
C ASP A 350 -4.17 -11.11 15.40
N PHE A 351 -4.95 -11.01 16.48
CA PHE A 351 -6.22 -10.32 16.44
C PHE A 351 -6.02 -8.84 16.12
N LEU A 352 -4.94 -8.24 16.63
CA LEU A 352 -4.63 -6.86 16.30
C LEU A 352 -4.08 -6.72 14.88
N THR A 353 -3.17 -7.61 14.48
CA THR A 353 -2.63 -7.53 13.14
C THR A 353 -3.68 -7.73 12.07
N ALA A 354 -4.77 -8.46 12.38
CA ALA A 354 -5.86 -8.57 11.41
C ALA A 354 -6.48 -7.20 11.13
N HIS A 355 -6.69 -6.39 12.17
CA HIS A 355 -7.21 -5.04 11.97
C HIS A 355 -6.22 -4.20 11.18
N HIS A 356 -4.93 -4.35 11.47
CA HIS A 356 -3.92 -3.58 10.74
C HIS A 356 -3.93 -3.91 9.24
N GLU A 357 -3.91 -5.20 8.91
CA GLU A 357 -3.89 -5.62 7.52
C GLU A 357 -5.18 -5.23 6.80
N MET A 358 -6.32 -5.36 7.49
CA MET A 358 -7.57 -4.93 6.88
C MET A 358 -7.62 -3.42 6.70
N GLY A 359 -6.90 -2.65 7.52
CA GLY A 359 -6.80 -1.21 7.25
C GLY A 359 -6.03 -0.92 5.97
N HIS A 360 -4.94 -1.66 5.75
CA HIS A 360 -4.26 -1.54 4.47
C HIS A 360 -5.19 -1.88 3.31
N ILE A 361 -5.97 -2.96 3.47
CA ILE A 361 -6.88 -3.38 2.42
C ILE A 361 -7.92 -2.28 2.16
N GLN A 362 -8.41 -1.64 3.22
CA GLN A 362 -9.42 -0.60 3.06
C GLN A 362 -8.86 0.60 2.32
N TYR A 363 -7.61 0.98 2.59
CA TYR A 363 -7.00 2.04 1.79
C TYR A 363 -6.93 1.65 0.31
N ASP A 364 -6.54 0.39 0.04
CA ASP A 364 -6.43 -0.05 -1.34
C ASP A 364 -7.77 -0.05 -2.06
N MET A 365 -8.83 -0.54 -1.40
CA MET A 365 -10.16 -0.47 -1.99
C MET A 365 -10.69 0.95 -2.08
N ALA A 366 -10.18 1.87 -1.26
CA ALA A 366 -10.68 3.23 -1.28
C ALA A 366 -10.17 4.00 -2.48
N TYR A 367 -8.88 3.91 -2.78
CA TYR A 367 -8.37 4.70 -3.91
C TYR A 367 -8.39 3.96 -5.24
N ALA A 368 -9.20 2.90 -5.37
CA ALA A 368 -9.18 2.09 -6.58
C ALA A 368 -9.77 2.78 -7.80
N THR A 369 -10.52 3.86 -7.63
CA THR A 369 -11.17 4.52 -8.76
C THR A 369 -10.28 5.53 -9.47
N GLN A 370 -9.15 5.89 -8.89
CA GLN A 370 -8.26 6.87 -9.50
C GLN A 370 -7.57 6.27 -10.72
N PRO A 371 -7.03 7.12 -11.62
CA PRO A 371 -6.23 6.60 -12.73
C PRO A 371 -5.13 5.65 -12.29
N TYR A 372 -4.63 4.83 -13.20
CA TYR A 372 -3.73 3.75 -12.83
C TYR A 372 -2.46 4.28 -12.19
N LEU A 373 -1.92 5.38 -12.70
CA LEU A 373 -0.67 5.92 -12.21
C LEU A 373 -0.82 6.70 -10.91
N LEU A 374 -2.04 6.90 -10.42
CA LEU A 374 -2.29 7.63 -9.18
C LEU A 374 -2.88 6.74 -8.09
N ARG A 375 -2.67 5.44 -8.16
CA ARG A 375 -3.21 4.50 -7.18
C ARG A 375 -2.14 4.15 -6.15
N ASN A 376 -1.80 5.15 -5.34
CA ASN A 376 -0.86 4.97 -4.24
C ASN A 376 -1.27 5.90 -3.11
N GLY A 377 -0.53 5.82 -2.00
CA GLY A 377 -0.72 6.78 -0.92
C GLY A 377 -0.19 8.15 -1.29
N ALA A 378 -0.54 9.14 -0.46
CA ALA A 378 -0.10 10.50 -0.73
C ALA A 378 1.42 10.59 -0.78
N ASN A 379 2.10 9.96 0.16
CA ASN A 379 3.54 9.72 0.05
C ASN A 379 3.84 8.39 0.75
N GLU A 380 5.11 8.15 1.05
CA GLU A 380 5.50 6.87 1.60
C GLU A 380 4.97 6.67 3.02
N GLY A 381 4.74 7.74 3.76
CA GLY A 381 4.31 7.61 5.15
C GLY A 381 2.82 7.50 5.38
N PHE A 382 1.99 7.75 4.37
CA PHE A 382 0.55 7.72 4.57
C PHE A 382 0.02 6.30 4.69
N HIS A 383 0.55 5.37 3.90
CA HIS A 383 -0.06 4.04 3.82
C HIS A 383 0.12 3.26 5.12
N GLU A 384 1.26 3.41 5.78
CA GLU A 384 1.52 2.68 7.01
C GLU A 384 1.08 3.42 8.25
N ALA A 385 0.57 4.65 8.12
CA ALA A 385 0.00 5.36 9.26
C ALA A 385 -1.49 5.13 9.38
N VAL A 386 -2.16 4.78 8.28
CA VAL A 386 -3.58 4.45 8.33
C VAL A 386 -3.81 3.15 9.09
N GLY A 387 -2.92 2.17 8.90
CA GLY A 387 -3.10 0.88 9.54
C GLY A 387 -2.95 0.92 11.05
N GLU A 388 -2.01 1.73 11.55
CA GLU A 388 -1.71 1.72 12.98
C GLU A 388 -2.85 2.26 13.81
N ILE A 389 -3.61 3.23 13.30
CA ILE A 389 -4.70 3.80 14.07
C ILE A 389 -5.84 2.81 14.25
N MET A 390 -5.92 1.77 13.39
CA MET A 390 -6.90 0.71 13.60
C MET A 390 -6.50 -0.21 14.75
N SER A 391 -5.21 -0.54 14.87
CA SER A 391 -4.75 -1.34 15.99
C SER A 391 -4.74 -0.55 17.28
N LEU A 392 -4.62 0.78 17.20
CA LEU A 392 -4.77 1.60 18.40
C LEU A 392 -6.18 1.48 18.97
N SER A 393 -7.20 1.51 18.11
CA SER A 393 -8.58 1.40 18.57
C SER A 393 -8.96 -0.01 18.94
N ALA A 394 -8.41 -1.01 18.25
CA ALA A 394 -8.81 -2.40 18.48
C ALA A 394 -8.31 -2.94 19.81
N ALA A 395 -7.40 -2.24 20.50
CA ALA A 395 -6.83 -2.74 21.74
C ALA A 395 -7.35 -2.02 22.99
N THR A 396 -8.24 -1.05 22.82
CA THR A 396 -8.75 -0.32 23.97
C THR A 396 -9.71 -1.20 24.76
N PRO A 397 -9.74 -1.06 26.09
CA PRO A 397 -10.68 -1.87 26.89
C PRO A 397 -12.13 -1.66 26.52
N HIS A 398 -12.50 -0.47 26.06
CA HIS A 398 -13.87 -0.22 25.65
C HIS A 398 -14.26 -1.05 24.43
N TYR A 399 -13.29 -1.39 23.58
CA TYR A 399 -13.58 -2.19 22.39
C TYR A 399 -13.81 -3.65 22.76
N LEU A 400 -12.98 -4.21 23.65
CA LEU A 400 -13.15 -5.60 24.03
C LEU A 400 -14.31 -5.80 25.00
N LYS A 401 -14.59 -4.80 25.84
CA LYS A 401 -15.71 -4.90 26.77
C LYS A 401 -17.03 -4.97 26.01
N ALA A 402 -17.16 -4.21 24.91
CA ALA A 402 -18.33 -4.29 24.06
C ALA A 402 -18.29 -5.47 23.11
N LEU A 403 -17.14 -6.13 22.97
CA LEU A 403 -17.01 -7.30 22.10
C LEU A 403 -17.25 -8.61 22.83
N GLY A 404 -17.45 -8.58 24.14
CA GLY A 404 -17.66 -9.78 24.91
C GLY A 404 -16.40 -10.45 25.40
N LEU A 405 -15.21 -9.96 25.03
CA LEU A 405 -13.96 -10.54 25.49
C LEU A 405 -13.59 -10.10 26.90
N LEU A 406 -14.29 -9.12 27.45
CA LEU A 406 -14.07 -8.68 28.82
C LEU A 406 -15.40 -8.54 29.52
N PRO A 407 -15.49 -8.91 30.80
CA PRO A 407 -16.77 -8.79 31.51
C PRO A 407 -17.14 -7.33 31.68
N PRO A 408 -18.45 -7.03 31.71
CA PRO A 408 -18.86 -5.62 31.89
C PRO A 408 -18.46 -5.04 33.23
N ASP A 409 -18.17 -5.88 34.22
CA ASP A 409 -17.73 -5.44 35.54
C ASP A 409 -16.21 -5.31 35.63
N PHE A 410 -15.51 -5.37 34.50
CA PHE A 410 -14.06 -5.26 34.51
C PHE A 410 -13.63 -3.89 35.01
N TYR A 411 -12.69 -3.89 35.96
CA TYR A 411 -12.13 -2.67 36.52
C TYR A 411 -10.66 -2.58 36.14
N GLU A 412 -10.28 -1.46 35.52
CA GLU A 412 -8.90 -1.25 35.10
C GLU A 412 -8.22 -0.30 36.08
N ASP A 413 -7.03 -0.68 36.53
CA ASP A 413 -6.25 0.12 37.46
C ASP A 413 -5.38 1.11 36.71
N SER A 414 -5.08 2.24 37.37
CA SER A 414 -4.15 3.19 36.79
C SER A 414 -2.75 2.59 36.63
N GLU A 415 -2.41 1.59 37.45
CA GLU A 415 -1.13 0.93 37.31
C GLU A 415 -1.02 0.21 35.97
N THR A 416 -2.08 -0.48 35.56
CA THR A 416 -2.08 -1.16 34.27
C THR A 416 -1.99 -0.15 33.13
N GLU A 417 -2.68 0.98 33.24
CA GLU A 417 -2.61 2.01 32.21
C GLU A 417 -1.19 2.56 32.11
N ILE A 418 -0.53 2.78 33.25
CA ILE A 418 0.85 3.28 33.22
C ILE A 418 1.77 2.24 32.60
N ASN A 419 1.55 0.96 32.91
CA ASN A 419 2.34 -0.10 32.29
C ASN A 419 2.16 -0.11 30.77
N PHE A 420 0.91 0.04 30.32
CA PHE A 420 0.62 0.06 28.89
C PHE A 420 1.27 1.26 28.22
N LEU A 421 1.22 2.42 28.86
CA LEU A 421 1.86 3.60 28.27
C LEU A 421 3.37 3.47 28.25
N LEU A 422 3.95 2.80 29.26
CA LEU A 422 5.40 2.57 29.23
C LEU A 422 5.78 1.65 28.07
N LYS A 423 5.02 0.57 27.86
CA LYS A 423 5.34 -0.32 26.76
C LYS A 423 5.11 0.34 25.41
N GLN A 424 4.11 1.22 25.30
CA GLN A 424 3.92 1.99 24.08
C GLN A 424 5.08 2.96 23.86
N ALA A 425 5.57 3.60 24.93
CA ALA A 425 6.63 4.59 24.80
C ALA A 425 7.96 3.94 24.43
N LEU A 426 8.20 2.71 24.89
CA LEU A 426 9.45 2.06 24.54
C LEU A 426 9.57 1.81 23.04
N THR A 427 8.45 1.52 22.37
CA THR A 427 8.47 1.21 20.95
C THR A 427 8.40 2.45 20.06
N ILE A 428 7.54 3.40 20.39
CA ILE A 428 7.26 4.53 19.50
C ILE A 428 8.25 5.66 19.75
N VAL A 429 8.29 6.16 20.99
CA VAL A 429 9.17 7.28 21.29
C VAL A 429 10.64 6.87 21.22
N GLY A 430 10.94 5.64 21.63
CA GLY A 430 12.32 5.19 21.70
C GLY A 430 13.00 5.01 20.36
N THR A 431 12.23 4.94 19.26
CA THR A 431 12.80 4.69 17.96
C THR A 431 13.01 5.96 17.12
N LEU A 432 12.40 7.08 17.51
CA LEU A 432 12.49 8.29 16.68
C LEU A 432 13.91 8.85 16.61
N PRO A 433 14.63 9.06 17.72
CA PRO A 433 15.99 9.62 17.59
C PRO A 433 16.92 8.75 16.77
N PHE A 434 16.80 7.43 16.87
CA PHE A 434 17.67 6.55 16.08
C PHE A 434 17.42 6.73 14.59
N THR A 435 16.15 6.78 14.17
CA THR A 435 15.84 6.97 12.77
C THR A 435 16.32 8.32 12.27
N TYR A 436 16.08 9.38 13.06
CA TYR A 436 16.47 10.71 12.62
C TYR A 436 17.99 10.83 12.52
N MET A 437 18.71 10.26 13.49
CA MET A 437 20.17 10.31 13.47
C MET A 437 20.73 9.53 12.28
N LEU A 438 20.22 8.32 12.05
CA LEU A 438 20.74 7.51 10.95
C LEU A 438 20.50 8.19 9.61
N GLU A 439 19.30 8.74 9.40
CA GLU A 439 19.04 9.35 8.11
C GLU A 439 19.80 10.67 7.95
N LYS A 440 20.01 11.40 9.05
CA LYS A 440 20.85 12.60 8.97
C LYS A 440 22.27 12.24 8.59
N TRP A 441 22.82 11.17 9.18
CA TRP A 441 24.18 10.77 8.85
C TRP A 441 24.29 10.37 7.38
N ARG A 442 23.32 9.60 6.88
CA ARG A 442 23.38 9.23 5.47
C ARG A 442 23.25 10.44 4.56
N TRP A 443 22.36 11.39 4.90
CA TRP A 443 22.21 12.59 4.09
C TRP A 443 23.50 13.39 4.03
N MET A 444 24.15 13.59 5.18
CA MET A 444 25.38 14.37 5.18
C MET A 444 26.54 13.62 4.53
N VAL A 445 26.53 12.28 4.59
CA VAL A 445 27.54 11.52 3.87
C VAL A 445 27.37 11.69 2.36
N PHE A 446 26.13 11.59 1.87
CA PHE A 446 25.89 11.78 0.45
C PHE A 446 26.16 13.20 0.00
N LYS A 447 25.94 14.18 0.88
CA LYS A 447 26.12 15.58 0.48
C LYS A 447 27.58 15.96 0.31
N GLY A 448 28.51 15.16 0.79
CA GLY A 448 29.92 15.48 0.72
C GLY A 448 30.45 16.32 1.85
N LYS A 449 29.61 16.66 2.83
CA LYS A 449 30.09 17.42 3.98
C LYS A 449 31.08 16.62 4.81
N ILE A 450 30.82 15.32 4.99
CA ILE A 450 31.67 14.45 5.79
C ILE A 450 32.74 13.85 4.87
N PRO A 451 34.02 14.09 5.13
CA PRO A 451 35.06 13.45 4.32
C PRO A 451 35.08 11.94 4.53
N LYS A 452 35.60 11.25 3.52
CA LYS A 452 35.64 9.79 3.58
C LYS A 452 36.51 9.28 4.71
N GLU A 453 37.49 10.07 5.14
CA GLU A 453 38.40 9.68 6.21
C GLU A 453 37.88 10.03 7.60
N GLN A 454 36.70 10.63 7.68
CA GLN A 454 36.09 11.01 8.95
C GLN A 454 34.68 10.46 9.06
N TRP A 455 34.50 9.18 8.70
CA TRP A 455 33.17 8.60 8.69
C TRP A 455 32.77 8.08 10.07
N MET A 456 33.72 7.54 10.82
CA MET A 456 33.44 7.01 12.15
C MET A 456 33.81 7.97 13.27
N GLN A 457 34.37 9.13 12.95
CA GLN A 457 34.60 10.15 13.96
C GLN A 457 33.38 11.05 14.16
N LYS A 458 32.48 11.10 13.18
CA LYS A 458 31.23 11.84 13.30
C LYS A 458 30.05 10.95 13.62
N TRP A 459 30.03 9.72 13.11
CA TRP A 459 28.91 8.81 13.34
C TRP A 459 28.69 8.60 14.83
N TRP A 460 29.76 8.37 15.58
CA TRP A 460 29.60 8.24 17.02
C TRP A 460 29.36 9.58 17.68
N GLU A 461 29.94 10.66 17.15
CA GLU A 461 29.76 11.97 17.76
C GLU A 461 28.29 12.37 17.76
N MET A 462 27.59 12.09 16.66
CA MET A 462 26.16 12.33 16.62
C MET A 462 25.41 11.36 17.53
N LYS A 463 25.86 10.11 17.60
CA LYS A 463 25.13 9.11 18.40
C LYS A 463 25.09 9.50 19.87
N ARG A 464 26.21 9.99 20.39
CA ARG A 464 26.22 10.51 21.75
C ARG A 464 25.40 11.80 21.86
N GLU A 465 25.46 12.65 20.83
CA GLU A 465 24.84 13.97 20.94
C GLU A 465 23.33 13.90 20.78
N ILE A 466 22.85 13.09 19.84
CA ILE A 466 21.43 13.04 19.50
C ILE A 466 20.72 11.90 20.23
N VAL A 467 21.28 10.69 20.16
CA VAL A 467 20.63 9.53 20.75
C VAL A 467 21.03 9.29 22.20
N GLY A 468 22.14 9.86 22.65
CA GLY A 468 22.62 9.57 24.00
C GLY A 468 23.09 8.15 24.20
N VAL A 469 23.78 7.60 23.20
CA VAL A 469 24.30 6.23 23.26
C VAL A 469 25.78 6.28 22.95
N VAL A 470 26.58 5.62 23.78
CA VAL A 470 28.04 5.61 23.62
C VAL A 470 28.47 4.22 23.18
N GLU A 471 29.53 4.17 22.38
CA GLU A 471 30.09 2.90 21.96
C GLU A 471 30.79 2.22 23.12
N PRO A 472 30.77 0.89 23.17
CA PRO A 472 31.49 0.18 24.24
C PRO A 472 32.98 0.05 23.96
N LEU A 473 33.34 -0.02 22.68
CA LEU A 473 34.74 -0.15 22.28
C LEU A 473 35.06 0.83 21.16
N PRO A 474 36.22 1.49 21.21
CA PRO A 474 36.59 2.42 20.14
C PRO A 474 36.73 1.70 18.82
N HIS A 475 36.34 2.37 17.74
CA HIS A 475 36.41 1.84 16.39
C HIS A 475 37.16 2.80 15.49
N ASP A 476 37.90 2.23 14.54
CA ASP A 476 38.65 3.01 13.57
C ASP A 476 37.87 3.07 12.26
N GLU A 477 38.49 3.66 11.23
CA GLU A 477 37.84 3.81 9.93
C GLU A 477 37.69 2.49 9.19
N THR A 478 38.36 1.42 9.63
CA THR A 478 38.19 0.12 9.00
C THR A 478 36.81 -0.48 9.23
N TYR A 479 36.04 0.06 10.18
CA TYR A 479 34.70 -0.43 10.47
C TYR A 479 33.67 0.31 9.62
N CYS A 480 32.56 -0.38 9.33
CA CYS A 480 31.40 0.20 8.68
C CYS A 480 30.18 -0.20 9.50
N ASP A 481 29.87 0.61 10.53
CA ASP A 481 28.78 0.26 11.42
C ASP A 481 27.41 0.50 10.80
N PRO A 482 27.13 1.62 10.12
CA PRO A 482 25.79 1.78 9.53
C PRO A 482 25.43 0.71 8.52
N ALA A 483 26.40 0.14 7.82
CA ALA A 483 26.11 -0.90 6.84
C ALA A 483 25.66 -2.20 7.50
N CYS A 484 25.78 -2.34 8.82
CA CYS A 484 25.35 -3.53 9.52
C CYS A 484 23.83 -3.61 9.68
N LEU A 485 23.09 -2.59 9.22
CA LEU A 485 21.65 -2.58 9.29
C LEU A 485 21.07 -3.03 7.94
N PHE A 486 19.92 -3.71 8.02
CA PHE A 486 19.33 -4.30 6.81
C PHE A 486 18.98 -3.23 5.79
N HIS A 487 18.40 -2.12 6.24
CA HIS A 487 17.93 -1.10 5.30
C HIS A 487 19.09 -0.33 4.67
N VAL A 488 20.18 -0.13 5.40
CA VAL A 488 21.32 0.59 4.83
C VAL A 488 22.01 -0.25 3.76
N ALA A 489 22.17 -1.55 4.01
CA ALA A 489 22.89 -2.41 3.07
C ALA A 489 22.10 -2.61 1.78
N GLU A 490 20.77 -2.58 1.83
CA GLU A 490 19.93 -2.87 0.69
C GLU A 490 19.39 -1.62 0.01
N ASP A 491 19.96 -0.45 0.32
CA ASP A 491 19.62 0.81 -0.35
C ASP A 491 18.12 1.13 -0.20
N TYR A 492 17.71 1.35 1.05
CA TYR A 492 16.34 1.73 1.37
C TYR A 492 16.34 3.00 2.18
N SER A 493 15.48 3.94 1.82
CA SER A 493 15.33 5.17 2.58
C SER A 493 14.73 4.87 3.95
N PHE A 494 15.13 5.66 4.95
CA PHE A 494 14.76 5.41 6.32
C PHE A 494 13.88 6.49 6.92
N ILE A 495 13.67 7.61 6.23
CA ILE A 495 12.92 8.72 6.82
C ILE A 495 11.41 8.51 6.79
N ARG A 496 10.93 7.50 6.07
CA ARG A 496 9.50 7.21 6.08
C ARG A 496 9.01 6.75 7.44
N TYR A 497 9.88 6.07 8.20
CA TYR A 497 9.51 5.60 9.53
C TYR A 497 9.37 6.74 10.52
N TYR A 498 10.09 7.84 10.31
CA TYR A 498 9.97 8.99 11.20
C TYR A 498 8.66 9.73 10.94
N THR A 499 8.31 9.95 9.67
CA THR A 499 7.10 10.71 9.36
C THR A 499 5.83 9.90 9.60
N ARG A 500 5.91 8.58 9.44
CA ARG A 500 4.73 7.75 9.69
C ARG A 500 4.26 7.86 11.13
N THR A 501 5.22 7.93 12.07
CA THR A 501 4.86 8.04 13.48
C THR A 501 4.11 9.33 13.77
N ILE A 502 4.52 10.44 13.15
CA ILE A 502 3.83 11.71 13.34
C ILE A 502 2.44 11.66 12.71
N TYR A 503 2.35 11.12 11.49
CA TYR A 503 1.07 11.11 10.80
C TYR A 503 0.06 10.24 11.51
N GLN A 504 0.50 9.12 12.09
CA GLN A 504 -0.45 8.23 12.76
C GLN A 504 -1.11 8.89 13.96
N PHE A 505 -0.39 9.71 14.72
CA PHE A 505 -0.98 10.36 15.88
C PHE A 505 -1.77 11.61 15.52
N GLN A 506 -1.38 12.32 14.45
CA GLN A 506 -2.25 13.37 13.95
C GLN A 506 -3.59 12.80 13.49
N PHE A 507 -3.54 11.67 12.77
CA PHE A 507 -4.77 11.03 12.31
C PHE A 507 -5.63 10.57 13.47
N HIS A 508 -4.99 9.95 14.48
CA HIS A 508 -5.75 9.47 15.63
C HIS A 508 -6.41 10.62 16.37
N GLU A 509 -5.70 11.73 16.59
CA GLU A 509 -6.29 12.86 17.29
C GLU A 509 -7.45 13.46 16.51
N ALA A 510 -7.29 13.62 15.19
CA ALA A 510 -8.38 14.20 14.40
C ALA A 510 -9.60 13.30 14.41
N LEU A 511 -9.41 11.99 14.24
CA LEU A 511 -10.54 11.08 14.20
C LEU A 511 -11.22 10.96 15.55
N CYS A 512 -10.46 11.07 16.64
CA CYS A 512 -11.08 11.06 17.97
C CYS A 512 -11.85 12.35 18.23
N GLN A 513 -11.36 13.49 17.73
CA GLN A 513 -12.14 14.71 17.87
C GLN A 513 -13.44 14.65 17.09
N THR A 514 -13.41 14.01 15.91
CA THR A 514 -14.64 13.88 15.12
C THR A 514 -15.69 13.07 15.87
N ALA A 515 -15.29 11.99 16.54
CA ALA A 515 -16.23 11.15 17.27
C ALA A 515 -16.71 11.78 18.57
N LYS A 516 -16.18 12.94 18.95
CA LYS A 516 -16.56 13.64 20.18
C LYS A 516 -16.30 12.77 21.41
N HIS A 517 -15.18 12.05 21.39
CA HIS A 517 -14.76 11.27 22.55
C HIS A 517 -14.18 12.21 23.62
N GLU A 518 -14.48 11.89 24.88
CA GLU A 518 -14.02 12.70 26.00
C GLU A 518 -13.09 11.88 26.88
N GLY A 519 -12.03 12.53 27.37
CA GLY A 519 -11.06 11.86 28.19
C GLY A 519 -9.68 11.85 27.56
N PRO A 520 -8.75 11.10 28.15
CA PRO A 520 -7.40 11.01 27.57
C PRO A 520 -7.44 10.34 26.21
N LEU A 521 -6.47 10.70 25.36
CA LEU A 521 -6.45 10.21 24.00
C LEU A 521 -6.19 8.71 23.93
N TYR A 522 -5.40 8.17 24.86
CA TYR A 522 -5.04 6.76 24.78
C TYR A 522 -6.20 5.83 25.09
N LYS A 523 -7.32 6.36 25.59
CA LYS A 523 -8.53 5.57 25.83
C LYS A 523 -9.53 5.67 24.69
N CYS A 524 -9.19 6.40 23.63
CA CYS A 524 -10.16 6.70 22.58
C CYS A 524 -10.53 5.46 21.78
N ASP A 525 -11.80 5.38 21.42
CA ASP A 525 -12.32 4.33 20.55
C ASP A 525 -13.26 4.96 19.53
N ILE A 526 -13.07 4.63 18.26
CA ILE A 526 -13.86 5.23 17.19
C ILE A 526 -14.87 4.25 16.64
N SER A 527 -15.18 3.18 17.38
CA SER A 527 -16.19 2.23 16.95
C SER A 527 -17.58 2.88 17.00
N ASN A 528 -18.44 2.46 16.07
CA ASN A 528 -19.82 2.91 15.94
C ASN A 528 -19.95 4.36 15.51
N SER A 529 -18.85 5.09 15.36
CA SER A 529 -18.89 6.50 14.98
C SER A 529 -18.86 6.59 13.47
N THR A 530 -20.05 6.66 12.87
CA THR A 530 -20.14 6.78 11.41
C THR A 530 -19.67 8.13 10.90
N ASP A 531 -19.48 9.11 11.79
CA ASP A 531 -19.04 10.43 11.36
C ASP A 531 -17.54 10.49 11.10
N ALA A 532 -16.76 9.64 11.77
CA ALA A 532 -15.32 9.61 11.54
C ALA A 532 -14.93 8.85 10.29
N GLY A 533 -15.79 7.95 9.81
CA GLY A 533 -15.48 7.20 8.62
C GLY A 533 -15.59 8.06 7.39
N GLN A 534 -16.50 9.04 7.42
CA GLN A 534 -16.61 9.98 6.32
C GLN A 534 -15.36 10.84 6.21
N ARG A 535 -14.86 11.33 7.36
CA ARG A 535 -13.64 12.13 7.33
C ARG A 535 -12.44 11.30 6.89
N LEU A 536 -12.36 10.05 7.33
CA LEU A 536 -11.27 9.18 6.87
C LEU A 536 -11.37 8.95 5.37
N LEU A 537 -12.57 8.66 4.87
CA LEU A 537 -12.76 8.41 3.45
C LEU A 537 -12.57 9.65 2.59
N GLN A 538 -12.62 10.84 3.20
CA GLN A 538 -12.28 12.04 2.44
C GLN A 538 -10.81 12.06 2.05
N MET A 539 -9.93 11.53 2.91
CA MET A 539 -8.51 11.46 2.61
C MET A 539 -8.14 10.19 1.84
N LEU A 540 -8.77 9.06 2.19
CA LEU A 540 -8.44 7.80 1.52
C LEU A 540 -8.81 7.82 0.04
N ASN A 541 -9.83 8.58 -0.33
CA ASN A 541 -10.32 8.54 -1.71
C ASN A 541 -9.33 9.16 -2.69
N LEU A 542 -8.60 10.20 -2.28
CA LEU A 542 -7.77 10.95 -3.22
C LEU A 542 -6.65 10.10 -3.79
N GLY A 543 -6.03 9.26 -2.97
CA GLY A 543 -4.87 8.52 -3.44
C GLY A 543 -3.71 9.45 -3.69
N LYS A 544 -3.08 9.31 -4.85
CA LYS A 544 -1.96 10.17 -5.23
C LYS A 544 -2.38 11.22 -6.25
N SER A 545 -3.64 11.65 -6.22
CA SER A 545 -4.15 12.59 -7.23
C SER A 545 -4.18 14.03 -6.75
N GLU A 546 -3.85 14.28 -5.49
CA GLU A 546 -3.78 15.62 -4.94
C GLU A 546 -2.54 15.73 -4.07
N PRO A 547 -1.97 16.93 -3.92
CA PRO A 547 -0.74 17.07 -3.14
C PRO A 547 -0.91 16.60 -1.69
N TRP A 548 0.11 15.93 -1.19
CA TRP A 548 0.10 15.35 0.15
C TRP A 548 -0.21 16.39 1.23
N THR A 549 0.12 17.65 1.00
CA THR A 549 -0.25 18.70 1.94
C THR A 549 -1.77 18.88 2.00
N LEU A 550 -2.43 18.87 0.84
CA LEU A 550 -3.89 18.99 0.82
C LEU A 550 -4.56 17.71 1.31
N ALA A 551 -3.96 16.56 1.02
CA ALA A 551 -4.50 15.30 1.55
C ALA A 551 -4.43 15.28 3.06
N LEU A 552 -3.34 15.83 3.63
CA LEU A 552 -3.25 15.94 5.08
C LEU A 552 -4.28 16.93 5.62
N GLU A 553 -4.48 18.05 4.91
CA GLU A 553 -5.43 19.04 5.39
C GLU A 553 -6.87 18.53 5.35
N ARG A 554 -7.19 17.63 4.41
CA ARG A 554 -8.57 17.15 4.30
C ARG A 554 -9.02 16.33 5.51
N ILE A 555 -8.10 15.72 6.25
CA ILE A 555 -8.46 14.88 7.38
C ILE A 555 -8.14 15.53 8.72
N VAL A 556 -7.06 16.29 8.82
CA VAL A 556 -6.64 16.90 10.08
C VAL A 556 -7.08 18.36 10.19
N GLY A 557 -6.91 19.12 9.12
CA GLY A 557 -7.20 20.54 9.12
C GLY A 557 -5.99 21.43 9.00
N ALA A 558 -4.79 20.87 8.99
CA ALA A 558 -3.55 21.61 8.79
C ALA A 558 -2.73 20.91 7.71
N LYS A 559 -1.82 21.65 7.11
CA LYS A 559 -0.99 21.15 6.01
C LYS A 559 0.48 21.07 6.39
N THR A 560 0.75 20.63 7.63
CA THR A 560 2.12 20.54 8.10
C THR A 560 2.21 19.47 9.17
N MET A 561 3.42 18.93 9.35
CA MET A 561 3.65 17.96 10.40
C MET A 561 3.66 18.63 11.76
N ASP A 562 3.11 17.95 12.77
CA ASP A 562 3.03 18.49 14.11
C ASP A 562 3.13 17.36 15.12
N VAL A 563 4.00 17.55 16.12
CA VAL A 563 4.21 16.53 17.15
C VAL A 563 3.39 16.79 18.41
N LYS A 564 2.59 17.84 18.42
CA LYS A 564 1.76 18.11 19.60
C LYS A 564 0.76 17.01 19.91
N PRO A 565 0.05 16.41 18.94
CA PRO A 565 -0.78 15.24 19.27
C PRO A 565 0.02 14.08 19.83
N LEU A 566 1.24 13.86 19.36
CA LEU A 566 2.07 12.79 19.88
C LEU A 566 2.41 13.03 21.35
N LEU A 567 2.72 14.27 21.72
CA LEU A 567 2.97 14.59 23.11
C LEU A 567 1.69 14.54 23.94
N ASN A 568 0.55 14.86 23.31
CA ASN A 568 -0.73 14.77 24.00
C ASN A 568 -1.03 13.31 24.38
N TYR A 569 -0.71 12.38 23.48
CA TYR A 569 -0.97 10.96 23.75
C TYR A 569 -0.20 10.48 24.97
N PHE A 570 1.05 10.92 25.13
CA PHE A 570 1.93 10.45 26.18
C PHE A 570 1.95 11.38 27.40
N GLU A 571 1.03 12.34 27.48
CA GLU A 571 1.01 13.28 28.60
C GLU A 571 0.83 12.58 29.95
N PRO A 572 -0.12 11.65 30.13
CA PRO A 572 -0.22 10.96 31.43
C PRO A 572 1.04 10.22 31.82
N LEU A 573 1.81 9.70 30.86
CA LEU A 573 3.05 9.03 31.19
C LEU A 573 4.13 10.04 31.57
N LEU A 574 4.16 11.20 30.91
CA LEU A 574 5.15 12.22 31.25
C LEU A 574 4.92 12.75 32.66
N THR A 575 3.66 12.98 33.04
CA THR A 575 3.38 13.47 34.38
C THR A 575 3.79 12.49 35.46
N TRP A 576 3.89 11.20 35.13
CA TRP A 576 4.40 10.20 36.06
C TRP A 576 5.90 10.02 35.96
N LEU A 577 6.49 10.31 34.80
CA LEU A 577 7.93 10.18 34.63
C LEU A 577 8.68 11.31 35.34
N LYS A 578 8.12 12.51 35.36
CA LYS A 578 8.81 13.61 36.04
C LYS A 578 8.93 13.36 37.54
N ASP A 579 7.88 12.80 38.16
CA ASP A 579 7.95 12.49 39.58
C ASP A 579 9.02 11.44 39.88
N GLN A 580 9.12 10.42 39.03
CA GLN A 580 10.15 9.40 39.21
C GLN A 580 11.55 9.97 39.01
N ASN A 581 11.73 10.88 38.07
CA ASN A 581 13.04 11.43 37.78
C ASN A 581 13.36 12.66 38.62
N GLY A 582 12.49 13.04 39.54
CA GLY A 582 12.76 14.19 40.40
C GLY A 582 14.06 14.09 41.17
N ASN A 583 14.45 12.90 41.58
CA ASN A 583 15.68 12.71 42.35
C ASN A 583 16.83 12.15 41.50
N SER A 584 16.72 12.19 40.18
CA SER A 584 17.77 11.70 39.31
C SER A 584 18.14 12.77 38.29
N PHE A 585 19.40 12.77 37.89
CA PHE A 585 19.88 13.70 36.88
C PHE A 585 19.38 13.29 35.50
N VAL A 586 18.99 14.28 34.72
CA VAL A 586 18.55 14.06 33.34
C VAL A 586 19.59 14.64 32.39
N GLY A 587 19.60 14.10 31.17
CA GLY A 587 20.62 14.45 30.21
C GLY A 587 21.84 13.55 30.32
N TRP A 588 22.58 13.48 29.22
CA TRP A 588 23.74 12.60 29.12
C TRP A 588 24.98 13.41 28.82
N SER A 589 26.03 13.22 29.63
CA SER A 589 27.33 13.81 29.35
C SER A 589 28.10 12.92 28.41
N THR A 590 28.63 13.50 27.33
CA THR A 590 29.25 12.72 26.27
C THR A 590 30.66 12.22 26.62
N ASP A 591 31.30 12.82 27.62
CA ASP A 591 32.71 12.53 27.86
C ASP A 591 32.93 11.13 28.41
N TRP A 592 32.04 10.66 29.28
CA TRP A 592 32.25 9.36 29.91
C TRP A 592 32.05 8.24 28.89
N THR A 593 33.03 7.33 28.83
CA THR A 593 32.96 6.15 27.99
C THR A 593 33.36 4.93 28.80
N PRO A 594 32.78 3.77 28.49
CA PRO A 594 33.20 2.54 29.19
C PRO A 594 34.66 2.18 28.94
N TYR A 595 35.21 2.55 27.79
CA TYR A 595 36.57 2.16 27.43
C TYR A 595 37.62 3.08 28.04
N SER A 596 37.27 4.31 28.38
CA SER A 596 38.25 5.25 28.92
C SER A 596 38.81 4.76 30.25
N GLU A 597 37.95 4.22 31.11
CA GLU A 597 38.38 3.73 32.41
C GLU A 597 38.09 2.24 32.55
N THR B 333 -49.13 -23.15 -31.64
CA THR B 333 -48.67 -21.82 -31.26
C THR B 333 -47.19 -21.65 -31.58
N ASN B 334 -46.87 -20.64 -32.37
CA ASN B 334 -45.51 -20.37 -32.81
C ASN B 334 -44.94 -19.29 -31.88
N LEU B 335 -44.14 -19.72 -30.91
CA LEU B 335 -43.51 -18.80 -29.97
C LEU B 335 -42.20 -18.27 -30.52
N CYS B 336 -41.87 -17.04 -30.14
CA CYS B 336 -40.66 -16.40 -30.61
C CYS B 336 -39.44 -17.13 -30.04
N PRO B 337 -38.35 -17.19 -30.82
CA PRO B 337 -37.15 -17.92 -30.36
C PRO B 337 -36.26 -17.06 -29.46
N PHE B 338 -36.75 -16.81 -28.25
CA PHE B 338 -35.96 -16.09 -27.26
C PHE B 338 -34.90 -16.99 -26.65
N GLY B 339 -35.00 -18.30 -26.86
CA GLY B 339 -34.03 -19.25 -26.33
C GLY B 339 -32.79 -19.43 -27.17
N GLU B 340 -32.67 -18.72 -28.28
CA GLU B 340 -31.45 -18.71 -29.06
C GLU B 340 -30.73 -17.37 -29.04
N VAL B 341 -31.20 -16.44 -28.21
CA VAL B 341 -30.54 -15.16 -28.00
C VAL B 341 -29.94 -15.08 -26.60
N PHE B 342 -30.64 -15.61 -25.60
CA PHE B 342 -30.15 -15.62 -24.23
C PHE B 342 -29.39 -16.88 -23.89
N ASN B 343 -29.51 -17.92 -24.70
CA ASN B 343 -29.11 -19.28 -24.32
C ASN B 343 -28.15 -19.71 -25.43
N ALA B 344 -26.93 -19.19 -25.43
CA ALA B 344 -26.06 -19.30 -26.60
C ALA B 344 -24.66 -19.73 -26.19
N THR B 345 -24.01 -20.47 -27.10
CA THR B 345 -22.65 -20.92 -26.86
C THR B 345 -21.65 -19.77 -26.99
N ARG B 346 -21.78 -18.95 -28.03
CA ARG B 346 -20.82 -17.90 -28.32
C ARG B 346 -21.55 -16.57 -28.54
N PHE B 347 -21.09 -15.53 -27.86
CA PHE B 347 -21.60 -14.18 -28.03
C PHE B 347 -20.65 -13.37 -28.90
N ALA B 348 -21.06 -12.15 -29.23
CA ALA B 348 -20.30 -11.28 -30.12
C ALA B 348 -19.61 -10.17 -29.32
N SER B 349 -18.57 -9.61 -29.92
CA SER B 349 -17.82 -8.54 -29.29
C SER B 349 -18.63 -7.24 -29.33
N VAL B 350 -18.16 -6.25 -28.57
CA VAL B 350 -18.88 -4.97 -28.50
C VAL B 350 -18.77 -4.22 -29.82
N TYR B 351 -17.58 -4.19 -30.41
CA TYR B 351 -17.36 -3.36 -31.60
C TYR B 351 -18.12 -3.91 -32.80
N ALA B 352 -18.32 -5.24 -32.88
CA ALA B 352 -19.10 -5.86 -33.94
C ALA B 352 -20.14 -6.75 -33.26
N TRP B 353 -21.25 -6.15 -32.85
CA TRP B 353 -22.29 -6.87 -32.13
C TRP B 353 -23.23 -7.57 -33.10
N ASN B 354 -24.07 -8.45 -32.55
CA ASN B 354 -24.99 -9.24 -33.34
C ASN B 354 -26.41 -8.73 -33.11
N ARG B 355 -27.11 -8.48 -34.22
CA ARG B 355 -28.50 -8.04 -34.22
C ARG B 355 -29.36 -9.12 -34.85
N LYS B 356 -30.44 -9.51 -34.17
CA LYS B 356 -31.37 -10.50 -34.67
C LYS B 356 -32.76 -9.91 -34.71
N ARG B 357 -33.46 -10.10 -35.83
CA ARG B 357 -34.81 -9.57 -36.01
C ARG B 357 -35.83 -10.65 -35.67
N ILE B 358 -36.79 -10.28 -34.83
CA ILE B 358 -37.86 -11.17 -34.37
C ILE B 358 -39.17 -10.61 -34.88
N SER B 359 -39.90 -11.42 -35.64
CA SER B 359 -41.19 -11.05 -36.20
C SER B 359 -42.00 -12.31 -36.47
N ASN B 360 -43.32 -12.13 -36.57
CA ASN B 360 -44.26 -13.20 -36.91
C ASN B 360 -44.18 -14.34 -35.89
N CYS B 361 -44.52 -14.02 -34.66
CA CYS B 361 -44.54 -14.99 -33.57
C CYS B 361 -45.26 -14.37 -32.38
N VAL B 362 -45.48 -15.18 -31.35
CA VAL B 362 -46.01 -14.72 -30.08
C VAL B 362 -44.88 -14.71 -29.07
N ALA B 363 -44.79 -13.62 -28.30
CA ALA B 363 -43.68 -13.38 -27.39
C ALA B 363 -44.17 -13.57 -25.95
N ASP B 364 -43.63 -14.58 -25.27
CA ASP B 364 -43.95 -14.83 -23.88
C ASP B 364 -42.83 -14.22 -23.03
N TYR B 365 -42.99 -12.94 -22.69
CA TYR B 365 -41.99 -12.27 -21.87
C TYR B 365 -41.99 -12.74 -20.43
N SER B 366 -42.98 -13.54 -20.02
CA SER B 366 -43.08 -13.95 -18.63
C SER B 366 -41.85 -14.72 -18.17
N VAL B 367 -41.18 -15.42 -19.10
CA VAL B 367 -39.99 -16.17 -18.73
C VAL B 367 -38.85 -15.23 -18.32
N LEU B 368 -38.84 -14.02 -18.85
CA LEU B 368 -37.67 -13.15 -18.66
C LEU B 368 -37.69 -12.46 -17.30
N TYR B 369 -38.70 -11.61 -17.04
CA TYR B 369 -38.66 -10.83 -15.81
C TYR B 369 -38.96 -11.67 -14.57
N ASN B 370 -39.51 -12.87 -14.74
CA ASN B 370 -39.69 -13.79 -13.63
C ASN B 370 -38.47 -14.65 -13.37
N SER B 371 -37.41 -14.50 -14.18
CA SER B 371 -36.17 -15.22 -13.96
C SER B 371 -35.24 -14.43 -13.05
N ALA B 372 -34.63 -15.11 -12.09
CA ALA B 372 -33.73 -14.48 -11.14
C ALA B 372 -32.28 -14.46 -11.61
N SER B 373 -31.99 -15.05 -12.77
CA SER B 373 -30.61 -15.07 -13.26
C SER B 373 -30.14 -13.67 -13.63
N PHE B 374 -31.00 -12.86 -14.23
CA PHE B 374 -30.60 -11.55 -14.71
C PHE B 374 -30.33 -10.61 -13.54
N SER B 375 -29.20 -9.90 -13.61
CA SER B 375 -28.84 -8.93 -12.60
C SER B 375 -29.22 -7.50 -12.98
N THR B 376 -29.44 -7.24 -14.27
CA THR B 376 -29.86 -5.91 -14.72
C THR B 376 -31.02 -6.08 -15.69
N PHE B 377 -32.20 -5.60 -15.31
CA PHE B 377 -33.39 -5.63 -16.16
C PHE B 377 -34.02 -4.24 -16.11
N LYS B 378 -33.59 -3.36 -17.01
CA LYS B 378 -34.08 -1.98 -17.04
C LYS B 378 -34.83 -1.74 -18.34
N CYS B 379 -36.11 -1.40 -18.25
CA CYS B 379 -36.92 -1.15 -19.42
C CYS B 379 -37.19 0.34 -19.53
N TYR B 380 -36.81 0.92 -20.67
CA TYR B 380 -36.96 2.34 -20.94
C TYR B 380 -38.10 2.54 -21.92
N GLY B 381 -39.06 3.40 -21.54
CA GLY B 381 -40.18 3.74 -22.39
C GLY B 381 -41.42 2.90 -22.20
N VAL B 382 -41.33 1.78 -21.50
CA VAL B 382 -42.46 0.91 -21.24
C VAL B 382 -42.37 0.40 -19.80
N SER B 383 -43.35 -0.41 -19.41
CA SER B 383 -43.38 -1.05 -18.11
C SER B 383 -43.03 -2.52 -18.24
N PRO B 384 -42.15 -3.07 -17.40
CA PRO B 384 -41.83 -4.50 -17.51
C PRO B 384 -43.05 -5.39 -17.38
N THR B 385 -43.97 -5.05 -16.48
CA THR B 385 -45.28 -5.68 -16.46
C THR B 385 -46.17 -5.00 -17.49
N LYS B 386 -47.18 -5.74 -17.97
CA LYS B 386 -48.06 -5.32 -19.06
C LYS B 386 -47.30 -5.20 -20.37
N LEU B 387 -46.06 -5.69 -20.44
CA LEU B 387 -45.30 -5.62 -21.67
C LEU B 387 -45.87 -6.54 -22.74
N ASN B 388 -46.40 -7.69 -22.35
CA ASN B 388 -46.94 -8.67 -23.27
C ASN B 388 -48.40 -8.40 -23.62
N ASP B 389 -48.86 -7.17 -23.48
CA ASP B 389 -50.21 -6.79 -23.88
C ASP B 389 -50.22 -5.84 -25.08
N LEU B 390 -49.06 -5.44 -25.59
CA LEU B 390 -48.96 -4.62 -26.77
C LEU B 390 -48.37 -5.43 -27.92
N CYS B 391 -48.73 -5.04 -29.13
CA CYS B 391 -48.24 -5.70 -30.34
C CYS B 391 -47.39 -4.73 -31.15
N PHE B 392 -46.23 -5.21 -31.59
CA PHE B 392 -45.30 -4.42 -32.38
C PHE B 392 -45.12 -5.06 -33.75
N THR B 393 -44.39 -4.36 -34.62
CA THR B 393 -44.12 -4.88 -35.95
C THR B 393 -42.78 -5.60 -36.06
N ASN B 394 -41.79 -5.22 -35.25
CA ASN B 394 -40.50 -5.90 -35.23
C ASN B 394 -39.85 -5.73 -33.87
N VAL B 395 -39.00 -6.69 -33.52
CA VAL B 395 -38.16 -6.61 -32.32
C VAL B 395 -36.73 -6.89 -32.72
N TYR B 396 -35.80 -6.06 -32.28
CA TYR B 396 -34.39 -6.26 -32.55
C TYR B 396 -33.66 -6.65 -31.27
N ALA B 397 -32.89 -7.72 -31.32
CA ALA B 397 -32.12 -8.20 -30.18
C ALA B 397 -30.65 -8.04 -30.49
N ASP B 398 -29.99 -7.12 -29.80
CA ASP B 398 -28.56 -6.88 -29.97
C ASP B 398 -27.82 -7.45 -28.77
N SER B 399 -26.85 -8.31 -29.02
CA SER B 399 -26.17 -9.04 -27.95
C SER B 399 -24.67 -8.83 -28.01
N PHE B 400 -24.05 -8.68 -26.84
CA PHE B 400 -22.60 -8.54 -26.76
C PHE B 400 -22.14 -8.82 -25.34
N VAL B 401 -20.83 -8.71 -25.12
CA VAL B 401 -20.20 -8.96 -23.82
C VAL B 401 -19.32 -7.76 -23.46
N ILE B 402 -19.54 -7.22 -22.25
CA ILE B 402 -18.75 -6.08 -21.78
C ILE B 402 -18.22 -6.37 -20.37
N ARG B 403 -17.61 -5.37 -19.75
CA ARG B 403 -17.13 -5.48 -18.38
C ARG B 403 -18.25 -5.14 -17.40
N GLY B 404 -17.96 -5.26 -16.11
CA GLY B 404 -18.94 -4.95 -15.10
C GLY B 404 -19.27 -3.47 -15.01
N ASP B 405 -18.26 -2.61 -15.09
CA ASP B 405 -18.46 -1.17 -14.94
C ASP B 405 -19.01 -0.49 -16.18
N GLU B 406 -19.14 -1.21 -17.29
CA GLU B 406 -19.62 -0.64 -18.52
C GLU B 406 -21.09 -0.96 -18.79
N VAL B 407 -21.75 -1.67 -17.88
CA VAL B 407 -23.19 -1.92 -18.05
C VAL B 407 -23.99 -0.66 -17.78
N ARG B 408 -23.45 0.27 -16.99
CA ARG B 408 -24.16 1.52 -16.75
C ARG B 408 -24.13 2.44 -17.96
N GLN B 409 -23.27 2.18 -18.94
CA GLN B 409 -23.21 3.00 -20.14
C GLN B 409 -24.22 2.59 -21.19
N ILE B 410 -24.91 1.47 -21.01
CA ILE B 410 -25.96 1.04 -21.94
C ILE B 410 -27.25 1.66 -21.44
N ALA B 411 -27.45 2.93 -21.79
CA ALA B 411 -28.60 3.71 -21.37
C ALA B 411 -28.67 4.98 -22.21
N PRO B 412 -29.86 5.58 -22.37
CA PRO B 412 -29.96 6.80 -23.19
C PRO B 412 -29.29 7.98 -22.51
N GLY B 413 -28.28 8.55 -23.18
CA GLY B 413 -27.63 9.75 -22.72
C GLY B 413 -26.28 9.55 -22.05
N GLN B 414 -25.93 8.32 -21.69
CA GLN B 414 -24.66 8.08 -21.00
C GLN B 414 -23.49 8.25 -21.96
N THR B 415 -22.32 8.58 -21.39
CA THR B 415 -21.11 8.80 -22.15
C THR B 415 -19.97 7.96 -21.58
N GLY B 416 -19.03 7.61 -22.45
CA GLY B 416 -17.92 6.76 -22.06
C GLY B 416 -17.14 6.31 -23.27
N LYS B 417 -16.51 5.15 -23.16
CA LYS B 417 -15.88 4.55 -24.31
C LYS B 417 -16.83 3.63 -25.07
N ILE B 418 -17.60 2.81 -24.33
CA ILE B 418 -18.54 1.90 -24.95
C ILE B 418 -19.67 2.67 -25.64
N ALA B 419 -20.20 3.69 -24.96
CA ALA B 419 -21.28 4.47 -25.55
C ALA B 419 -20.81 5.26 -26.76
N ASP B 420 -19.64 5.88 -26.68
CA ASP B 420 -19.20 6.77 -27.74
C ASP B 420 -18.67 6.01 -28.95
N TYR B 421 -17.93 4.92 -28.75
CA TYR B 421 -17.20 4.30 -29.85
C TYR B 421 -17.68 2.90 -30.22
N ASN B 422 -18.47 2.24 -29.38
CA ASN B 422 -18.82 0.85 -29.62
C ASN B 422 -20.31 0.62 -29.84
N TYR B 423 -21.16 1.08 -28.94
CA TYR B 423 -22.60 0.87 -29.05
C TYR B 423 -23.31 2.08 -28.49
N LYS B 424 -24.06 2.77 -29.35
CA LYS B 424 -24.77 3.98 -28.96
C LYS B 424 -26.28 3.75 -29.01
N LEU B 425 -26.98 4.22 -27.97
CA LEU B 425 -28.42 4.16 -27.87
C LEU B 425 -29.03 5.54 -28.04
N PRO B 426 -30.13 5.68 -28.77
CA PRO B 426 -30.74 6.99 -28.96
C PRO B 426 -31.31 7.54 -27.66
N ASP B 427 -31.45 8.86 -27.61
CA ASP B 427 -31.98 9.51 -26.42
C ASP B 427 -33.40 9.06 -26.13
N ASP B 428 -34.23 8.96 -27.16
CA ASP B 428 -35.54 8.33 -27.04
C ASP B 428 -35.37 6.83 -27.25
N PHE B 429 -35.93 6.03 -26.35
CA PHE B 429 -35.72 4.60 -26.40
C PHE B 429 -36.96 3.88 -25.91
N THR B 430 -37.43 2.92 -26.70
CA THR B 430 -38.55 2.05 -26.34
C THR B 430 -38.02 0.63 -26.38
N GLY B 431 -37.57 0.13 -25.24
CA GLY B 431 -36.98 -1.19 -25.21
C GLY B 431 -36.57 -1.56 -23.80
N CYS B 432 -35.79 -2.63 -23.70
CA CYS B 432 -35.26 -3.10 -22.44
C CYS B 432 -33.79 -3.49 -22.59
N VAL B 433 -33.06 -3.39 -21.48
CA VAL B 433 -31.67 -3.80 -21.38
C VAL B 433 -31.60 -4.88 -20.32
N ILE B 434 -31.03 -6.03 -20.69
CA ILE B 434 -30.89 -7.19 -19.80
C ILE B 434 -29.41 -7.55 -19.76
N ALA B 435 -28.89 -7.77 -18.56
CA ALA B 435 -27.48 -8.10 -18.41
C ALA B 435 -27.30 -9.05 -17.25
N TRP B 436 -26.41 -10.02 -17.44
CA TRP B 436 -26.13 -10.97 -16.36
C TRP B 436 -24.65 -11.34 -16.36
N ASN B 437 -24.16 -11.69 -15.19
CA ASN B 437 -22.76 -12.09 -15.03
C ASN B 437 -22.50 -13.41 -15.76
N SER B 438 -21.34 -13.50 -16.41
CA SER B 438 -20.94 -14.69 -17.14
C SER B 438 -19.49 -15.04 -16.84
N ASN B 439 -19.13 -15.01 -15.56
CA ASN B 439 -17.76 -15.33 -15.17
C ASN B 439 -17.43 -16.80 -15.39
N ASN B 440 -18.39 -17.70 -15.19
CA ASN B 440 -18.13 -19.13 -15.31
C ASN B 440 -17.87 -19.54 -16.75
N LEU B 441 -18.35 -18.79 -17.74
CA LEU B 441 -18.25 -19.17 -19.14
C LEU B 441 -17.18 -18.38 -19.90
N ASP B 442 -17.14 -17.07 -19.71
CA ASP B 442 -16.29 -16.20 -20.51
C ASP B 442 -14.93 -15.94 -19.90
N SER B 443 -14.63 -16.53 -18.74
CA SER B 443 -13.35 -16.32 -18.07
C SER B 443 -12.62 -17.64 -17.92
N LYS B 444 -11.33 -17.64 -18.25
CA LYS B 444 -10.50 -18.83 -18.22
C LYS B 444 -9.19 -18.52 -17.53
N VAL B 445 -8.63 -19.53 -16.86
CA VAL B 445 -7.34 -19.36 -16.18
C VAL B 445 -6.28 -19.03 -17.22
N GLY B 446 -5.62 -17.89 -17.03
CA GLY B 446 -4.64 -17.40 -17.98
C GLY B 446 -5.13 -16.28 -18.87
N GLY B 447 -6.43 -16.03 -18.90
CA GLY B 447 -6.97 -14.92 -19.67
C GLY B 447 -7.78 -15.37 -20.86
N ASN B 448 -8.85 -14.64 -21.16
CA ASN B 448 -9.72 -14.89 -22.30
C ASN B 448 -9.69 -13.63 -23.17
N TYR B 449 -8.76 -13.58 -24.13
CA TYR B 449 -8.54 -12.40 -24.94
C TYR B 449 -9.27 -12.46 -26.27
N ASN B 450 -10.43 -13.12 -26.30
CA ASN B 450 -11.21 -13.27 -27.53
C ASN B 450 -12.23 -12.17 -27.74
N TYR B 451 -12.36 -11.22 -26.80
CA TYR B 451 -13.31 -10.13 -26.91
C TYR B 451 -12.56 -8.82 -27.03
N LEU B 452 -12.90 -8.03 -28.04
CA LEU B 452 -12.23 -6.77 -28.33
C LEU B 452 -13.19 -5.61 -28.16
N TYR B 453 -12.61 -4.41 -28.11
CA TYR B 453 -13.42 -3.19 -28.12
C TYR B 453 -12.58 -2.08 -28.73
N ARG B 454 -13.26 -1.07 -29.26
CA ARG B 454 -12.59 0.04 -29.93
C ARG B 454 -12.30 1.14 -28.94
N LEU B 455 -11.03 1.53 -28.85
CA LEU B 455 -10.57 2.51 -27.87
C LEU B 455 -10.37 3.90 -28.45
N PHE B 456 -10.11 4.02 -29.75
CA PHE B 456 -9.85 5.30 -30.38
C PHE B 456 -10.74 5.47 -31.61
N ARG B 457 -11.30 6.66 -31.77
CA ARG B 457 -12.09 6.99 -32.95
C ARG B 457 -12.12 8.50 -33.11
N LYS B 458 -12.27 8.95 -34.37
CA LYS B 458 -12.25 10.37 -34.65
C LYS B 458 -13.49 11.07 -34.10
N SER B 459 -14.66 10.46 -34.26
CA SER B 459 -15.92 11.08 -33.83
C SER B 459 -16.82 10.01 -33.23
N ASN B 460 -17.83 10.47 -32.49
CA ASN B 460 -18.72 9.56 -31.78
C ASN B 460 -19.67 8.85 -32.74
N LEU B 461 -20.12 7.67 -32.33
CA LEU B 461 -21.03 6.88 -33.15
C LEU B 461 -22.43 7.49 -33.14
N LYS B 462 -23.10 7.42 -34.29
CA LYS B 462 -24.51 7.75 -34.35
C LYS B 462 -25.33 6.60 -33.76
N PRO B 463 -26.55 6.87 -33.32
CA PRO B 463 -27.36 5.81 -32.72
C PRO B 463 -27.52 4.60 -33.62
N PHE B 464 -27.30 3.42 -33.04
CA PHE B 464 -27.47 2.14 -33.74
C PHE B 464 -26.57 2.03 -34.97
N GLU B 465 -25.37 2.60 -34.88
CA GLU B 465 -24.39 2.52 -35.95
C GLU B 465 -23.26 1.58 -35.54
N ARG B 466 -22.82 0.74 -36.48
CA ARG B 466 -21.77 -0.24 -36.25
C ARG B 466 -20.56 0.09 -37.11
N ASP B 467 -19.39 0.13 -36.47
CA ASP B 467 -18.14 0.42 -37.17
C ASP B 467 -17.20 -0.76 -36.95
N ILE B 468 -16.75 -1.37 -38.05
CA ILE B 468 -15.84 -2.50 -38.00
C ILE B 468 -14.56 -2.23 -38.79
N SER B 469 -14.27 -0.97 -39.09
CA SER B 469 -13.06 -0.63 -39.79
C SER B 469 -11.83 -0.84 -38.91
N THR B 470 -10.79 -1.42 -39.50
CA THR B 470 -9.53 -1.69 -38.80
C THR B 470 -8.44 -0.89 -39.51
N GLU B 471 -8.29 0.37 -39.12
CA GLU B 471 -7.28 1.25 -39.67
C GLU B 471 -6.52 1.93 -38.54
N ILE B 472 -5.25 2.23 -38.80
CA ILE B 472 -4.38 2.77 -37.76
C ILE B 472 -4.86 4.16 -37.38
N TYR B 473 -5.07 4.37 -36.08
CA TYR B 473 -5.41 5.68 -35.58
C TYR B 473 -4.24 6.64 -35.75
N GLN B 474 -4.54 7.93 -35.72
CA GLN B 474 -3.52 8.94 -35.99
C GLN B 474 -3.81 10.18 -35.17
N ALA B 475 -2.94 10.48 -34.21
CA ALA B 475 -3.06 11.68 -33.40
C ALA B 475 -2.03 12.74 -33.78
N GLY B 476 -1.22 12.50 -34.80
CA GLY B 476 -0.23 13.46 -35.24
C GLY B 476 -0.47 13.94 -36.65
N SER B 477 0.16 15.05 -37.03
CA SER B 477 -0.05 15.60 -38.36
C SER B 477 0.52 14.69 -39.44
N THR B 478 1.69 14.12 -39.22
CA THR B 478 2.35 13.31 -40.23
C THR B 478 1.68 11.95 -40.33
N PRO B 479 1.22 11.54 -41.51
CA PRO B 479 0.64 10.20 -41.65
C PRO B 479 1.71 9.12 -41.58
N CYS B 480 1.38 8.03 -40.90
CA CYS B 480 2.32 6.92 -40.74
C CYS B 480 2.16 5.83 -41.78
N ASN B 481 1.12 5.90 -42.61
CA ASN B 481 0.97 5.02 -43.78
C ASN B 481 0.92 3.55 -43.39
N GLY B 482 -0.01 3.21 -42.51
CA GLY B 482 -0.38 1.84 -42.27
C GLY B 482 0.54 1.04 -41.37
N VAL B 483 1.58 1.65 -40.80
CA VAL B 483 2.48 0.97 -39.88
C VAL B 483 2.42 1.68 -38.53
N GLU B 484 2.25 0.90 -37.47
CA GLU B 484 2.18 1.47 -36.13
C GLU B 484 3.52 2.05 -35.73
N GLY B 485 3.52 3.30 -35.26
CA GLY B 485 4.73 3.97 -34.85
C GLY B 485 4.52 4.88 -33.66
N PHE B 486 5.01 6.11 -33.77
CA PHE B 486 4.81 7.10 -32.73
C PHE B 486 3.56 7.91 -33.04
N ASN B 487 2.61 7.90 -32.11
CA ASN B 487 1.32 8.58 -32.20
C ASN B 487 0.36 7.87 -33.16
N CYS B 488 0.68 6.66 -33.60
CA CYS B 488 -0.18 5.87 -34.45
C CYS B 488 -0.48 4.55 -33.74
N TYR B 489 -1.72 4.39 -33.30
CA TYR B 489 -2.12 3.23 -32.51
C TYR B 489 -3.17 2.41 -33.25
N PHE B 490 -3.12 1.11 -33.05
CA PHE B 490 -4.19 0.25 -33.51
C PHE B 490 -5.44 0.49 -32.66
N PRO B 491 -6.61 0.64 -33.26
CA PRO B 491 -7.77 1.09 -32.48
C PRO B 491 -8.49 0.01 -31.71
N LEU B 492 -8.36 -1.26 -32.08
CA LEU B 492 -9.05 -2.34 -31.39
C LEU B 492 -8.14 -2.93 -30.33
N GLN B 493 -8.62 -2.97 -29.08
CA GLN B 493 -7.85 -3.48 -27.95
C GLN B 493 -8.60 -4.63 -27.30
N SER B 494 -7.85 -5.62 -26.82
CA SER B 494 -8.41 -6.85 -26.32
C SER B 494 -8.87 -6.71 -24.87
N TYR B 495 -9.71 -7.66 -24.46
CA TYR B 495 -10.23 -7.73 -23.10
C TYR B 495 -9.52 -8.86 -22.35
N GLY B 496 -9.10 -8.59 -21.12
CA GLY B 496 -8.48 -9.62 -20.31
C GLY B 496 -9.40 -10.10 -19.20
N PHE B 497 -9.93 -11.31 -19.32
CA PHE B 497 -10.87 -11.86 -18.36
C PHE B 497 -10.23 -13.06 -17.67
N GLN B 498 -10.21 -13.03 -16.34
CA GLN B 498 -9.68 -14.11 -15.52
C GLN B 498 -10.66 -14.42 -14.39
N PRO B 499 -10.69 -15.67 -13.92
CA PRO B 499 -11.69 -16.04 -12.91
C PRO B 499 -11.50 -15.35 -11.57
N THR B 500 -10.32 -14.82 -11.28
CA THR B 500 -10.03 -14.23 -9.98
C THR B 500 -10.21 -12.72 -9.94
N ASN B 501 -10.63 -12.11 -11.06
CA ASN B 501 -10.79 -10.66 -11.08
C ASN B 501 -11.97 -10.24 -10.21
N GLY B 502 -12.00 -8.95 -9.90
CA GLY B 502 -13.09 -8.41 -9.11
C GLY B 502 -14.39 -8.43 -9.89
N VAL B 503 -15.48 -8.16 -9.16
CA VAL B 503 -16.80 -8.15 -9.79
C VAL B 503 -16.86 -7.09 -10.88
N GLY B 504 -16.23 -5.94 -10.65
CA GLY B 504 -16.24 -4.87 -11.62
C GLY B 504 -15.45 -5.16 -12.88
N TYR B 505 -14.54 -6.12 -12.84
CA TYR B 505 -13.73 -6.49 -13.99
C TYR B 505 -14.15 -7.81 -14.61
N GLN B 506 -15.26 -8.38 -14.18
CA GLN B 506 -15.70 -9.67 -14.67
C GLN B 506 -16.62 -9.50 -15.87
N PRO B 507 -16.61 -10.47 -16.80
CA PRO B 507 -17.43 -10.33 -18.00
C PRO B 507 -18.92 -10.37 -17.69
N TYR B 508 -19.69 -9.63 -18.48
CA TYR B 508 -21.14 -9.57 -18.37
C TYR B 508 -21.73 -9.66 -19.77
N ARG B 509 -22.75 -10.50 -19.93
CA ARG B 509 -23.44 -10.64 -21.19
C ARG B 509 -24.67 -9.76 -21.21
N VAL B 510 -24.82 -8.98 -22.28
CA VAL B 510 -25.86 -7.96 -22.40
C VAL B 510 -26.68 -8.24 -23.64
N VAL B 511 -28.00 -8.22 -23.47
CA VAL B 511 -28.97 -8.31 -24.57
C VAL B 511 -29.89 -7.10 -24.49
N VAL B 512 -30.00 -6.37 -25.59
CA VAL B 512 -30.80 -5.16 -25.67
C VAL B 512 -31.93 -5.45 -26.64
N LEU B 513 -33.17 -5.48 -26.14
CA LEU B 513 -34.35 -5.65 -26.97
C LEU B 513 -34.94 -4.29 -27.30
N SER B 514 -35.07 -3.99 -28.58
CA SER B 514 -35.70 -2.76 -29.03
C SER B 514 -36.97 -3.12 -29.79
N PHE B 515 -38.11 -2.58 -29.32
CA PHE B 515 -39.40 -2.82 -29.95
C PHE B 515 -39.66 -1.67 -30.91
N GLU B 516 -39.71 -1.95 -32.20
CA GLU B 516 -40.00 -0.90 -33.16
C GLU B 516 -41.44 -1.01 -33.63
N LEU B 517 -42.04 0.15 -33.91
CA LEU B 517 -43.44 0.23 -34.30
C LEU B 517 -43.56 1.08 -35.55
N LEU B 518 -44.02 0.46 -36.63
CA LEU B 518 -44.31 1.17 -37.87
C LEU B 518 -45.72 0.85 -38.31
N HIS B 519 -46.12 1.29 -39.50
CA HIS B 519 -47.41 0.92 -40.05
C HIS B 519 -47.28 -0.44 -40.72
N ALA B 520 -47.93 -1.45 -40.15
CA ALA B 520 -47.78 -2.84 -40.56
C ALA B 520 -48.82 -3.68 -39.84
N PRO B 521 -49.02 -4.95 -40.23
CA PRO B 521 -49.99 -5.80 -39.52
C PRO B 521 -49.62 -6.12 -38.07
N ALA B 522 -48.51 -5.59 -37.54
CA ALA B 522 -48.13 -5.77 -36.14
C ALA B 522 -47.98 -7.26 -35.80
N THR B 523 -46.98 -7.87 -36.43
CA THR B 523 -46.81 -9.31 -36.37
C THR B 523 -46.55 -9.80 -34.94
N VAL B 524 -45.62 -9.15 -34.23
CA VAL B 524 -45.20 -9.61 -32.92
C VAL B 524 -46.25 -9.20 -31.89
N CYS B 525 -46.84 -10.19 -31.22
CA CYS B 525 -47.89 -9.95 -30.24
C CYS B 525 -47.56 -10.69 -28.95
N GLY B 526 -48.49 -10.62 -28.00
CA GLY B 526 -48.33 -11.31 -26.74
C GLY B 526 -49.35 -12.41 -26.57
N PRO B 527 -49.20 -13.22 -25.50
CA PRO B 527 -50.11 -14.33 -25.24
C PRO B 527 -51.36 -13.90 -24.46
ZN ZN C . 1.24 -2.68 8.17
C1 NAG D . -31.87 -20.70 -20.79
C2 NAG D . -33.37 -20.40 -20.90
C3 NAG D . -34.04 -20.56 -19.54
C4 NAG D . -33.76 -21.94 -18.97
C5 NAG D . -32.25 -22.17 -18.88
C6 NAG D . -31.92 -23.58 -18.46
C7 NAG D . -34.70 -18.69 -22.07
C8 NAG D . -34.77 -17.26 -22.51
N2 NAG D . -33.59 -19.06 -21.41
O3 NAG D . -35.44 -20.39 -19.65
O4 NAG D . -34.31 -22.04 -17.65
O5 NAG D . -31.68 -22.00 -20.19
O6 NAG D . -32.95 -24.48 -18.79
O7 NAG D . -35.60 -19.49 -22.32
#